data_5D79
#
_entry.id   5D79
#
_cell.length_a   127.024
_cell.length_b   133.132
_cell.length_c   138.999
_cell.angle_alpha   90.00
_cell.angle_beta   90.00
_cell.angle_gamma   90.00
#
_symmetry.space_group_name_H-M   'C 2 2 21'
#
loop_
_entity.id
_entity.type
_entity.pdbx_description
1 polymer 'Berberine bridge enzyme-like protein'
2 non-polymer 'CHLORIDE ION'
3 non-polymer 'PHOSPHATE ION'
4 non-polymer 'FLAVIN-ADENINE DINUCLEOTIDE'
5 water water
#
_entity_poly.entity_id   1
_entity_poly.type   'polypeptide(L)'
_entity_poly.pdbx_seq_one_letter_code
;MEFSSFLFTILLFSLNISPLVSAHGSNHEDFLKCLSYRMNDNTVEPKVIHTSKDSSFFSILDSSIQNPRFSVSETPKPVS
IITPVKASDVQTVIRCAQLHGIHVRTRSAGHCYEGLSYIAYNKPFAVIDLRNLRSISLDVDNRTGWVQTGATAGELYYEI
GKTTKSLAFPAGIHPTVGVGGQFSGGGYGTLLRKYGLAADNIIDALVVDASGRILDRQAMGEDYFWAIRGGGGSSFGVIL
SWKVKLVDVPSTITVFKVQKTSKKEAVRIIKKWQYAADKVPDDLFIRTTLERSNKNAVHALFTGLYIGPVNNLLALMEEK
FPELGLEKEGCEEMSWIESVLWFADFPKGESLGVLTNRERTSLSFKGKDDFVQEPIPEAAIQEIWRRLEAPEARLGKIIL
TPFGGKMSEMAEYETPFPHRGGNLYEIQYVAYWREEEDKNKTETDKYLKWVDSVYEFMTPYVSKSPRGAYVNFKDMDLGM
YLGKKKTKYEEGKSWGVKYFKNNFERLVRVKTRVDPTDFFCDEQSIPLVNKVT
;
_entity_poly.pdbx_strand_id   A,B
#
loop_
_chem_comp.id
_chem_comp.type
_chem_comp.name
_chem_comp.formula
CL non-polymer 'CHLORIDE ION' 'Cl -1'
FAD non-polymer 'FLAVIN-ADENINE DINUCLEOTIDE' 'C27 H33 N9 O15 P2'
PO4 non-polymer 'PHOSPHATE ION' 'O4 P -3'
#
# COMPACT_ATOMS: atom_id res chain seq x y z
N HIS A 28 37.38 27.08 -30.20
CA HIS A 28 36.06 27.68 -30.14
C HIS A 28 35.94 28.81 -31.14
N GLU A 29 37.10 29.41 -31.41
CA GLU A 29 37.23 30.50 -32.34
C GLU A 29 36.78 30.07 -33.74
N ASP A 30 37.39 29.00 -34.25
CA ASP A 30 37.07 28.44 -35.56
C ASP A 30 35.61 28.03 -35.57
N PHE A 31 35.16 27.49 -34.44
CA PHE A 31 33.78 27.06 -34.26
C PHE A 31 32.84 28.18 -34.65
N LEU A 32 33.07 29.36 -34.05
CA LEU A 32 32.29 30.56 -34.36
C LEU A 32 32.32 30.86 -35.84
N LYS A 33 33.51 30.84 -36.42
CA LYS A 33 33.67 31.10 -37.85
C LYS A 33 32.92 30.06 -38.66
N CYS A 34 33.01 28.81 -38.20
CA CYS A 34 32.36 27.70 -38.87
C CYS A 34 30.86 27.91 -38.99
N LEU A 35 30.26 28.49 -37.95
CA LEU A 35 28.81 28.75 -37.93
C LEU A 35 28.39 29.77 -39.00
N SER A 36 29.30 30.69 -39.34
CA SER A 36 28.98 31.78 -40.26
C SER A 36 29.06 31.38 -41.73
N TYR A 37 29.64 30.23 -42.02
CA TYR A 37 29.79 29.79 -43.41
C TYR A 37 28.44 29.58 -44.10
N THR A 43 22.07 29.51 -44.56
CA THR A 43 23.11 30.08 -43.73
C THR A 43 22.60 30.40 -42.32
N VAL A 44 23.40 30.05 -41.31
CA VAL A 44 23.12 30.41 -39.93
C VAL A 44 23.27 31.93 -39.70
N GLU A 45 22.19 32.57 -39.25
CA GLU A 45 22.15 34.02 -39.14
C GLU A 45 23.19 34.60 -38.18
N PRO A 46 23.77 35.76 -38.54
CA PRO A 46 24.64 36.46 -37.61
C PRO A 46 23.98 36.75 -36.26
N LYS A 47 22.77 37.31 -36.29
CA LYS A 47 22.12 37.82 -35.08
C LYS A 47 21.39 36.75 -34.25
N VAL A 48 21.75 35.49 -34.45
CA VAL A 48 21.25 34.41 -33.60
C VAL A 48 22.44 33.68 -32.96
N ILE A 49 23.61 34.31 -33.05
CA ILE A 49 24.83 33.82 -32.44
C ILE A 49 25.34 34.83 -31.42
N HIS A 50 25.23 34.50 -30.14
CA HIS A 50 25.58 35.43 -29.06
C HIS A 50 26.82 35.01 -28.28
N THR A 51 27.73 35.94 -28.04
CA THR A 51 28.83 35.70 -27.11
C THR A 51 28.95 36.84 -26.10
N SER A 52 29.91 36.74 -25.19
CA SER A 52 29.99 37.66 -24.04
C SER A 52 30.13 39.13 -24.44
N LYS A 53 30.66 39.37 -25.63
CA LYS A 53 30.87 40.72 -26.16
C LYS A 53 29.58 41.35 -26.66
N ASP A 54 28.61 40.50 -26.97
CA ASP A 54 27.26 40.94 -27.34
C ASP A 54 26.53 41.54 -26.14
N SER A 55 25.97 42.73 -26.32
CA SER A 55 25.22 43.37 -25.27
C SER A 55 24.07 42.46 -24.87
N SER A 56 23.45 41.83 -25.86
CA SER A 56 22.35 40.90 -25.63
C SER A 56 22.87 39.49 -25.41
N PHE A 57 23.53 39.26 -24.28
CA PHE A 57 24.08 37.95 -23.99
C PHE A 57 23.63 37.46 -22.64
N PHE A 58 24.01 38.18 -21.59
CA PHE A 58 23.66 37.76 -20.24
C PHE A 58 22.15 37.75 -20.04
N SER A 59 21.47 38.56 -20.85
CA SER A 59 20.01 38.64 -20.86
C SER A 59 19.38 37.42 -21.49
N ILE A 60 19.94 36.99 -22.63
CA ILE A 60 19.49 35.78 -23.31
C ILE A 60 19.71 34.56 -22.41
N LEU A 61 20.86 34.53 -21.74
CA LEU A 61 21.19 33.43 -20.84
C LEU A 61 20.32 33.44 -19.58
N ASP A 62 20.12 34.62 -19.02
CA ASP A 62 19.41 34.76 -17.75
C ASP A 62 17.92 34.51 -17.93
N SER A 63 17.40 34.77 -19.12
CA SER A 63 15.96 34.86 -19.35
C SER A 63 15.17 33.58 -19.01
N SER A 64 15.67 32.42 -19.42
CA SER A 64 14.97 31.19 -19.12
C SER A 64 15.67 30.35 -18.06
N ILE A 65 16.31 30.99 -17.07
CA ILE A 65 16.81 30.25 -15.91
C ILE A 65 15.70 30.17 -14.88
N GLN A 66 15.10 28.99 -14.76
CA GLN A 66 13.93 28.80 -13.91
C GLN A 66 14.30 28.11 -12.59
N ASN A 67 15.60 28.11 -12.31
CA ASN A 67 16.10 27.90 -10.96
C ASN A 67 17.23 28.93 -10.72
N PRO A 68 16.85 30.12 -10.21
CA PRO A 68 17.68 31.32 -10.08
C PRO A 68 19.04 31.12 -9.37
N ARG A 69 19.10 30.14 -8.47
CA ARG A 69 20.32 29.85 -7.72
C ARG A 69 21.46 29.49 -8.69
N PHE A 70 21.09 29.10 -9.91
CA PHE A 70 22.07 28.76 -10.92
C PHE A 70 22.26 29.89 -11.91
N SER A 71 21.86 31.09 -11.51
CA SER A 71 22.11 32.27 -12.32
C SER A 71 23.15 33.14 -11.66
N VAL A 72 23.87 32.60 -10.68
CA VAL A 72 24.86 33.39 -9.95
C VAL A 72 26.19 33.43 -10.71
N SER A 73 27.01 34.46 -10.46
CA SER A 73 28.22 34.68 -11.24
C SER A 73 29.28 33.60 -11.01
N GLU A 74 29.18 32.90 -9.88
CA GLU A 74 30.15 31.87 -9.53
C GLU A 74 29.89 30.55 -10.27
N THR A 75 28.75 30.43 -10.94
CA THR A 75 28.43 29.23 -11.70
C THR A 75 28.95 29.35 -13.13
N PRO A 76 29.30 28.20 -13.75
CA PRO A 76 29.90 28.19 -15.09
C PRO A 76 29.05 28.86 -16.16
N LYS A 77 29.69 29.67 -16.98
CA LYS A 77 29.01 30.38 -18.06
C LYS A 77 29.46 29.84 -19.42
N PRO A 78 28.54 29.79 -20.39
CA PRO A 78 28.90 29.37 -21.76
C PRO A 78 29.66 30.47 -22.51
N VAL A 79 30.48 30.06 -23.46
CA VAL A 79 31.28 30.99 -24.24
C VAL A 79 30.47 31.44 -25.47
N SER A 80 29.34 30.76 -25.71
CA SER A 80 28.39 31.18 -26.74
C SER A 80 26.98 30.59 -26.53
N ILE A 81 25.97 31.37 -26.94
CA ILE A 81 24.59 30.91 -27.01
C ILE A 81 24.09 31.10 -28.43
N ILE A 82 23.43 30.08 -28.98
CA ILE A 82 22.83 30.18 -30.30
C ILE A 82 21.31 29.99 -30.17
N THR A 83 20.55 30.94 -30.72
CA THR A 83 19.10 30.84 -30.74
C THR A 83 18.63 30.58 -32.16
N PRO A 84 18.66 29.30 -32.58
CA PRO A 84 18.29 28.89 -33.94
C PRO A 84 16.87 29.33 -34.33
N VAL A 85 16.63 29.57 -35.62
CA VAL A 85 15.30 29.95 -36.09
C VAL A 85 14.77 28.97 -37.14
N LYS A 86 15.65 28.13 -37.66
CA LYS A 86 15.23 27.07 -38.58
C LYS A 86 16.02 25.83 -38.23
N ALA A 87 15.51 24.66 -38.64
CA ALA A 87 16.16 23.40 -38.32
C ALA A 87 17.62 23.38 -38.76
N SER A 88 17.89 23.93 -39.94
CA SER A 88 19.23 23.89 -40.53
C SER A 88 20.29 24.49 -39.60
N ASP A 89 19.88 25.49 -38.82
CA ASP A 89 20.77 26.12 -37.85
C ASP A 89 21.27 25.14 -36.81
N VAL A 90 20.35 24.31 -36.30
CA VAL A 90 20.68 23.31 -35.29
C VAL A 90 21.70 22.35 -35.83
N GLN A 91 21.45 21.88 -37.05
CA GLN A 91 22.34 20.98 -37.75
C GLN A 91 23.75 21.53 -37.79
N THR A 92 23.86 22.80 -38.17
CA THR A 92 25.14 23.45 -38.33
C THR A 92 25.87 23.52 -36.99
N VAL A 93 25.12 23.73 -35.92
CA VAL A 93 25.72 23.79 -34.60
C VAL A 93 26.29 22.43 -34.21
N ILE A 94 25.50 21.38 -34.41
CA ILE A 94 25.93 20.01 -34.15
C ILE A 94 27.16 19.63 -34.98
N ARG A 95 27.12 19.92 -36.27
CA ARG A 95 28.24 19.61 -37.16
C ARG A 95 29.52 20.40 -36.84
N CYS A 96 29.39 21.71 -36.66
CA CYS A 96 30.54 22.56 -36.33
C CYS A 96 31.14 22.26 -34.95
N ALA A 97 30.28 21.99 -33.98
CA ALA A 97 30.73 21.69 -32.61
C ALA A 97 31.68 20.49 -32.64
N GLN A 98 31.20 19.41 -33.22
CA GLN A 98 31.96 18.19 -33.33
C GLN A 98 33.26 18.40 -34.10
N LEU A 99 33.23 19.28 -35.11
CA LEU A 99 34.40 19.54 -35.94
C LEU A 99 35.49 20.30 -35.18
N HIS A 100 35.08 21.09 -34.18
CA HIS A 100 36.05 21.92 -33.49
C HIS A 100 36.15 21.59 -32.00
N GLY A 101 35.52 20.49 -31.60
CA GLY A 101 35.65 20.01 -30.23
C GLY A 101 34.86 20.83 -29.24
N ILE A 102 33.75 21.41 -29.67
CA ILE A 102 32.96 22.22 -28.78
C ILE A 102 31.79 21.44 -28.20
N HIS A 103 31.69 21.50 -26.88
CA HIS A 103 30.64 20.85 -26.12
C HIS A 103 29.41 21.75 -26.10
N VAL A 104 28.21 21.19 -26.22
CA VAL A 104 27.00 22.00 -26.17
C VAL A 104 26.00 21.52 -25.13
N ARG A 105 25.08 22.40 -24.77
CA ARG A 105 23.92 22.04 -23.95
C ARG A 105 22.68 22.60 -24.62
N THR A 106 21.58 21.85 -24.58
CA THR A 106 20.34 22.28 -25.24
C THR A 106 19.29 22.75 -24.25
N ARG A 107 18.81 23.98 -24.42
CA ARG A 107 17.79 24.51 -23.53
C ARG A 107 16.47 24.76 -24.26
N SER A 108 15.37 24.27 -23.68
CA SER A 108 14.04 24.63 -24.15
C SER A 108 13.47 25.79 -23.33
N ALA A 109 13.01 25.52 -22.12
CA ALA A 109 12.46 26.58 -21.29
C ALA A 109 13.15 26.63 -19.94
N GLY A 110 14.11 25.73 -19.74
CA GLY A 110 15.08 25.88 -18.66
C GLY A 110 14.65 25.55 -17.24
N HIS A 111 13.74 24.60 -17.11
CA HIS A 111 13.32 24.16 -15.78
C HIS A 111 14.17 23.05 -15.16
N CYS A 112 15.32 22.72 -15.77
CA CYS A 112 16.18 21.64 -15.26
C CYS A 112 16.54 21.88 -13.81
N TYR A 113 16.21 20.90 -12.98
CA TYR A 113 16.36 21.00 -11.53
C TYR A 113 17.80 21.31 -11.08
N GLU A 114 18.78 20.96 -11.90
CA GLU A 114 20.18 21.25 -11.60
C GLU A 114 20.80 22.21 -12.61
N GLY A 115 19.97 22.82 -13.45
CA GLY A 115 20.45 23.78 -14.43
C GLY A 115 21.35 23.23 -15.54
N LEU A 116 21.23 21.94 -15.85
CA LEU A 116 22.17 21.28 -16.76
C LEU A 116 21.92 21.57 -18.24
N SER A 117 20.91 22.38 -18.52
CA SER A 117 20.61 22.82 -19.89
C SER A 117 21.37 24.10 -20.26
N TYR A 118 21.85 24.81 -19.24
CA TYR A 118 22.62 26.02 -19.47
C TYR A 118 23.88 26.04 -18.60
N ILE A 119 24.17 24.91 -17.94
CA ILE A 119 25.42 24.75 -17.22
C ILE A 119 26.12 23.44 -17.58
N ALA A 120 27.39 23.53 -17.93
CA ALA A 120 28.26 22.37 -18.01
C ALA A 120 29.41 22.59 -17.04
N TYR A 121 29.81 21.54 -16.34
CA TYR A 121 30.87 21.68 -15.35
C TYR A 121 32.23 21.17 -15.85
N ASN A 122 33.28 21.89 -15.50
CA ASN A 122 34.68 21.49 -15.76
C ASN A 122 35.11 21.39 -17.23
N LYS A 123 34.28 21.89 -18.14
CA LYS A 123 34.66 21.99 -19.55
C LYS A 123 33.81 23.04 -20.27
N PRO A 124 34.46 23.93 -21.01
CA PRO A 124 33.79 25.02 -21.75
C PRO A 124 32.71 24.52 -22.71
N PHE A 125 31.62 25.29 -22.83
CA PHE A 125 30.47 24.84 -23.60
C PHE A 125 29.74 25.98 -24.28
N ALA A 126 28.80 25.62 -25.13
CA ALA A 126 27.90 26.59 -25.73
C ALA A 126 26.46 26.13 -25.46
N VAL A 127 25.49 27.01 -25.70
CA VAL A 127 24.08 26.70 -25.46
C VAL A 127 23.25 26.80 -26.73
N ILE A 128 22.50 25.74 -27.05
CA ILE A 128 21.46 25.79 -28.09
C ILE A 128 20.10 26.10 -27.43
N ASP A 129 19.74 27.39 -27.39
CA ASP A 129 18.47 27.84 -26.80
C ASP A 129 17.38 27.77 -27.86
N LEU A 130 16.33 27.01 -27.59
CA LEU A 130 15.29 26.71 -28.58
C LEU A 130 14.11 27.67 -28.55
N ARG A 131 14.28 28.80 -27.87
CA ARG A 131 13.22 29.75 -27.66
C ARG A 131 12.51 30.22 -28.94
N ASN A 132 13.19 30.19 -30.08
CA ASN A 132 12.63 30.68 -31.33
C ASN A 132 11.83 29.64 -32.10
N LEU A 133 12.04 28.36 -31.75
CA LEU A 133 11.34 27.26 -32.40
C LEU A 133 10.26 26.70 -31.47
N ARG A 134 9.11 27.37 -31.44
CA ARG A 134 8.04 27.01 -30.54
C ARG A 134 6.69 26.97 -31.25
N SER A 135 6.72 26.72 -32.54
CA SER A 135 5.50 26.71 -33.35
C SER A 135 4.64 25.50 -33.04
N ILE A 136 3.34 25.74 -32.84
CA ILE A 136 2.40 24.67 -32.52
C ILE A 136 1.28 24.60 -33.55
N SER A 137 1.24 23.50 -34.28
CA SER A 137 0.19 23.33 -35.26
C SER A 137 -0.58 22.05 -34.99
N LEU A 138 -1.82 22.22 -34.52
CA LEU A 138 -2.69 21.10 -34.21
C LEU A 138 -3.59 20.75 -35.39
N ASP A 139 -4.06 19.52 -35.40
CA ASP A 139 -5.09 19.08 -36.34
C ASP A 139 -6.24 18.55 -35.50
N VAL A 140 -7.13 19.43 -35.07
CA VAL A 140 -8.10 19.05 -34.05
C VAL A 140 -9.01 17.90 -34.50
N ASP A 141 -9.28 17.83 -35.81
CA ASP A 141 -10.22 16.82 -36.34
C ASP A 141 -9.57 15.43 -36.37
N ASN A 142 -8.26 15.40 -36.59
CA ASN A 142 -7.50 14.16 -36.56
C ASN A 142 -6.77 13.92 -35.23
N ARG A 143 -7.00 14.81 -34.26
CA ARG A 143 -6.49 14.67 -32.89
C ARG A 143 -4.98 14.50 -32.81
N THR A 144 -4.28 15.28 -33.62
CA THR A 144 -2.82 15.29 -33.58
C THR A 144 -2.34 16.73 -33.63
N GLY A 145 -1.05 16.93 -33.43
CA GLY A 145 -0.45 18.21 -33.66
C GLY A 145 1.05 18.11 -33.62
N TRP A 146 1.73 18.97 -34.34
CA TRP A 146 3.17 19.03 -34.17
C TRP A 146 3.52 20.15 -33.20
N VAL A 147 4.45 19.87 -32.30
CA VAL A 147 4.84 20.85 -31.30
C VAL A 147 6.34 21.00 -31.27
N GLN A 148 6.84 22.12 -31.76
CA GLN A 148 8.26 22.41 -31.72
C GLN A 148 8.74 22.52 -30.29
N THR A 149 9.93 21.98 -30.03
CA THR A 149 10.41 21.77 -28.66
C THR A 149 10.73 23.03 -27.86
N GLY A 150 10.70 24.19 -28.49
CA GLY A 150 10.93 25.44 -27.79
C GLY A 150 9.66 25.93 -27.09
N ALA A 151 8.56 25.25 -27.36
CA ALA A 151 7.26 25.60 -26.80
C ALA A 151 7.17 25.21 -25.34
N THR A 152 6.35 25.93 -24.57
CA THR A 152 6.10 25.53 -23.21
C THR A 152 4.83 24.74 -23.16
N ALA A 153 4.67 23.97 -22.09
CA ALA A 153 3.42 23.27 -21.80
C ALA A 153 2.23 24.24 -21.76
N GLY A 154 2.43 25.42 -21.17
CA GLY A 154 1.41 26.44 -21.15
C GLY A 154 0.96 26.91 -22.54
N GLU A 155 1.92 27.11 -23.44
CA GLU A 155 1.59 27.54 -24.80
C GLU A 155 0.79 26.45 -25.51
N LEU A 156 1.20 25.20 -25.30
CA LEU A 156 0.50 24.07 -25.90
C LEU A 156 -0.93 24.00 -25.37
N TYR A 157 -1.07 24.06 -24.05
CA TYR A 157 -2.36 24.10 -23.41
C TYR A 157 -3.25 25.16 -24.02
N TYR A 158 -2.69 26.35 -24.19
CA TYR A 158 -3.42 27.50 -24.67
C TYR A 158 -3.95 27.27 -26.07
N GLU A 159 -3.12 26.66 -26.90
CA GLU A 159 -3.46 26.44 -28.30
C GLU A 159 -4.64 25.45 -28.40
N ILE A 160 -4.52 24.35 -27.67
CA ILE A 160 -5.62 23.40 -27.50
C ILE A 160 -6.88 24.03 -26.92
N GLY A 161 -6.77 24.56 -25.71
CA GLY A 161 -7.92 25.02 -24.96
C GLY A 161 -8.72 26.13 -25.60
N LYS A 162 -8.04 27.03 -26.32
CA LYS A 162 -8.69 28.13 -27.05
C LYS A 162 -9.43 27.66 -28.31
N THR A 163 -9.06 26.47 -28.80
CA THR A 163 -9.59 25.90 -30.05
C THR A 163 -10.74 24.93 -29.84
N THR A 164 -10.60 24.06 -28.85
CA THR A 164 -11.63 23.08 -28.53
C THR A 164 -11.68 22.83 -27.06
N LYS A 165 -12.88 22.55 -26.55
CA LYS A 165 -13.06 22.23 -25.14
C LYS A 165 -13.12 20.71 -24.87
N SER A 166 -13.11 19.92 -25.94
CA SER A 166 -13.27 18.48 -25.79
C SER A 166 -11.96 17.69 -25.99
N LEU A 167 -10.83 18.39 -26.10
CA LEU A 167 -9.54 17.72 -26.20
C LEU A 167 -8.56 18.29 -25.19
N ALA A 168 -7.53 17.50 -24.88
CA ALA A 168 -6.53 17.87 -23.90
C ALA A 168 -5.20 17.20 -24.23
N PHE A 169 -4.19 17.48 -23.43
CA PHE A 169 -2.99 16.71 -23.53
C PHE A 169 -2.44 16.51 -22.14
N PRO A 170 -2.01 15.27 -21.83
CA PRO A 170 -1.53 14.91 -20.50
C PRO A 170 -0.07 15.30 -20.27
N ALA A 171 0.18 16.51 -19.77
CA ALA A 171 1.53 16.94 -19.38
C ALA A 171 1.47 17.57 -17.99
N GLY A 172 2.53 18.25 -17.57
CA GLY A 172 2.60 18.79 -16.23
C GLY A 172 1.68 19.95 -15.92
N ILE A 173 1.61 20.35 -14.65
CA ILE A 173 0.71 21.45 -14.31
C ILE A 173 1.34 22.84 -14.44
N HIS A 174 2.66 22.91 -14.51
CA HIS A 174 3.34 24.21 -14.49
C HIS A 174 3.58 24.78 -15.92
N PRO A 175 2.93 25.91 -16.23
CA PRO A 175 2.85 26.37 -17.63
C PRO A 175 4.19 26.77 -18.25
N THR A 176 5.19 27.18 -17.47
CA THR A 176 6.44 27.68 -18.07
C THR A 176 7.44 26.54 -18.35
N VAL A 177 7.05 25.31 -18.05
CA VAL A 177 7.93 24.19 -18.30
C VAL A 177 7.89 23.84 -19.80
N GLY A 178 9.08 23.66 -20.37
CA GLY A 178 9.20 23.41 -21.79
C GLY A 178 8.84 21.99 -22.15
N VAL A 179 8.33 21.80 -23.37
CA VAL A 179 7.99 20.45 -23.81
C VAL A 179 9.28 19.69 -24.16
N GLY A 180 10.34 20.41 -24.50
CA GLY A 180 11.59 19.77 -24.84
C GLY A 180 12.13 18.89 -23.73
N GLY A 181 12.38 19.49 -22.58
CA GLY A 181 12.90 18.74 -21.45
C GLY A 181 11.85 17.85 -20.82
N GLN A 182 10.63 18.37 -20.65
CA GLN A 182 9.60 17.63 -19.92
C GLN A 182 9.20 16.34 -20.66
N PHE A 183 8.93 16.43 -21.96
CA PHE A 183 8.44 15.28 -22.70
C PHE A 183 9.56 14.24 -22.85
N SER A 184 10.80 14.71 -23.04
CA SER A 184 11.92 13.76 -23.21
C SER A 184 12.28 13.04 -21.90
N GLY A 185 11.73 13.52 -20.79
CA GLY A 185 11.96 12.91 -19.49
C GLY A 185 10.75 12.21 -18.87
N GLY A 186 9.67 12.12 -19.64
CA GLY A 186 8.41 11.54 -19.16
C GLY A 186 7.26 12.54 -19.14
N GLY A 187 7.01 13.12 -17.96
CA GLY A 187 6.04 14.21 -17.85
C GLY A 187 4.68 13.83 -17.30
N TYR A 188 4.47 13.98 -16.00
CA TYR A 188 3.17 13.69 -15.40
C TYR A 188 2.46 14.97 -14.96
N GLY A 189 1.14 14.87 -14.85
CA GLY A 189 0.28 15.97 -14.43
C GLY A 189 -1.06 15.35 -14.07
N THR A 190 -2.12 16.15 -14.04
CA THR A 190 -3.40 15.68 -13.51
C THR A 190 -4.17 14.64 -14.33
N LEU A 191 -3.63 14.21 -15.48
CA LEU A 191 -4.30 13.21 -16.30
C LEU A 191 -3.54 11.89 -16.37
N LEU A 192 -2.52 11.73 -15.53
CA LEU A 192 -1.62 10.58 -15.67
C LEU A 192 -2.31 9.26 -15.38
N ARG A 193 -3.35 9.28 -14.55
CA ARG A 193 -4.02 8.05 -14.19
C ARG A 193 -4.96 7.61 -15.31
N LYS A 194 -5.29 8.55 -16.18
CA LYS A 194 -6.26 8.31 -17.23
C LYS A 194 -5.55 8.02 -18.54
N TYR A 195 -4.52 8.82 -18.82
CA TYR A 195 -3.86 8.81 -20.11
C TYR A 195 -2.36 8.59 -20.04
N GLY A 196 -1.80 8.50 -18.83
CA GLY A 196 -0.37 8.28 -18.66
C GLY A 196 0.46 9.55 -18.79
N LEU A 197 1.71 9.39 -19.18
CA LEU A 197 2.64 10.53 -19.24
C LEU A 197 2.54 11.19 -20.60
N ALA A 198 3.10 12.39 -20.73
CA ALA A 198 3.17 13.05 -22.02
C ALA A 198 3.90 12.17 -23.03
N ALA A 199 5.01 11.57 -22.59
CA ALA A 199 5.81 10.70 -23.44
C ALA A 199 5.03 9.47 -23.90
N ASP A 200 4.04 9.07 -23.13
CA ASP A 200 3.18 7.96 -23.48
C ASP A 200 2.22 8.32 -24.59
N ASN A 201 2.22 9.60 -24.99
CA ASN A 201 1.24 10.14 -25.93
C ASN A 201 1.87 10.89 -27.10
N ILE A 202 3.00 10.38 -27.53
CA ILE A 202 3.73 10.97 -28.64
C ILE A 202 3.90 9.92 -29.75
N ILE A 203 3.53 10.30 -30.97
CA ILE A 203 3.40 9.33 -32.03
C ILE A 203 4.40 9.49 -33.19
N ASP A 204 5.16 10.59 -33.16
CA ASP A 204 6.24 10.84 -34.12
C ASP A 204 7.06 12.00 -33.56
N ALA A 205 8.22 12.25 -34.13
CA ALA A 205 9.10 13.29 -33.61
C ALA A 205 10.18 13.60 -34.62
N LEU A 206 10.77 14.77 -34.51
CA LEU A 206 11.94 15.10 -35.31
C LEU A 206 13.12 15.27 -34.38
N VAL A 207 14.24 14.62 -34.71
CA VAL A 207 15.45 14.79 -33.90
C VAL A 207 16.68 14.99 -34.81
N VAL A 208 17.60 15.86 -34.38
CA VAL A 208 18.90 15.96 -35.04
C VAL A 208 19.90 15.09 -34.28
N ASP A 209 20.49 14.12 -34.98
CA ASP A 209 21.44 13.20 -34.34
C ASP A 209 22.88 13.72 -34.48
N ALA A 210 23.83 12.95 -33.97
CA ALA A 210 25.23 13.38 -33.92
C ALA A 210 25.80 13.65 -35.32
N SER A 211 25.12 13.16 -36.35
CA SER A 211 25.52 13.45 -37.72
C SER A 211 25.14 14.88 -38.15
N GLY A 212 23.97 15.34 -37.71
CA GLY A 212 23.40 16.58 -38.19
C GLY A 212 22.22 16.25 -39.09
N ARG A 213 21.88 14.97 -39.10
CA ARG A 213 20.76 14.43 -39.84
C ARG A 213 19.44 14.64 -39.08
N ILE A 214 18.47 15.24 -39.76
CA ILE A 214 17.14 15.40 -39.19
C ILE A 214 16.30 14.15 -39.42
N LEU A 215 15.91 13.50 -38.33
CA LEU A 215 15.25 12.20 -38.41
C LEU A 215 13.84 12.22 -37.84
N ASP A 216 12.87 11.74 -38.62
CA ASP A 216 11.53 11.54 -38.07
C ASP A 216 11.43 10.09 -37.54
N ARG A 217 10.29 9.73 -36.97
CA ARG A 217 10.16 8.44 -36.30
C ARG A 217 10.53 7.30 -37.26
N GLN A 218 10.08 7.45 -38.50
CA GLN A 218 10.37 6.50 -39.56
C GLN A 218 11.88 6.41 -39.82
N ALA A 219 12.55 7.56 -39.86
CA ALA A 219 13.97 7.60 -40.23
C ALA A 219 14.89 7.25 -39.07
N MET A 220 14.46 7.55 -37.85
CA MET A 220 15.31 7.34 -36.68
C MET A 220 15.27 5.91 -36.17
N GLY A 221 14.18 5.19 -36.40
CA GLY A 221 14.05 3.84 -35.90
C GLY A 221 13.33 3.75 -34.57
N GLU A 222 12.80 2.57 -34.24
CA GLU A 222 11.97 2.41 -33.06
C GLU A 222 12.77 2.55 -31.77
N ASP A 223 14.01 2.08 -31.77
CA ASP A 223 14.89 2.19 -30.62
CA ASP A 223 14.86 2.20 -30.60
C ASP A 223 15.14 3.67 -30.28
N TYR A 224 15.45 4.45 -31.31
CA TYR A 224 15.67 5.87 -31.12
C TYR A 224 14.39 6.53 -30.61
N PHE A 225 13.28 6.23 -31.27
CA PHE A 225 11.96 6.79 -30.92
C PHE A 225 11.56 6.46 -29.49
N TRP A 226 12.03 5.32 -29.02
CA TRP A 226 11.70 4.88 -27.67
C TRP A 226 12.52 5.71 -26.67
N ALA A 227 13.83 5.81 -26.93
CA ALA A 227 14.75 6.43 -25.99
C ALA A 227 14.43 7.90 -25.72
N ILE A 228 13.99 8.61 -26.75
CA ILE A 228 13.71 10.04 -26.57
C ILE A 228 12.43 10.29 -25.78
N ARG A 229 11.60 9.26 -25.62
CA ARG A 229 10.32 9.44 -24.92
C ARG A 229 10.40 9.00 -23.46
N GLY A 230 11.35 9.57 -22.72
CA GLY A 230 11.48 9.35 -21.29
C GLY A 230 12.93 9.20 -20.83
N GLY A 231 13.82 8.92 -21.78
CA GLY A 231 15.20 8.59 -21.46
C GLY A 231 16.09 9.77 -21.14
N GLY A 232 15.50 10.96 -21.18
CA GLY A 232 16.26 12.19 -21.04
C GLY A 232 16.89 12.54 -22.37
N GLY A 233 16.34 13.53 -23.04
CA GLY A 233 16.81 13.91 -24.37
C GLY A 233 18.26 14.34 -24.49
N SER A 234 18.84 14.86 -23.40
CA SER A 234 20.21 15.36 -23.48
C SER A 234 21.24 14.26 -23.80
N SER A 235 20.82 13.01 -23.71
CA SER A 235 21.69 11.87 -24.00
C SER A 235 21.62 11.39 -25.47
N PHE A 236 20.68 11.90 -26.26
CA PHE A 236 20.37 11.24 -27.53
C PHE A 236 20.35 12.13 -28.78
N GLY A 237 20.32 13.46 -28.60
CA GLY A 237 20.32 14.37 -29.74
C GLY A 237 19.68 15.71 -29.45
N VAL A 238 19.35 16.44 -30.51
CA VAL A 238 18.52 17.64 -30.35
C VAL A 238 17.16 17.39 -30.96
N ILE A 239 16.17 17.22 -30.09
CA ILE A 239 14.81 16.98 -30.52
C ILE A 239 14.19 18.29 -31.00
N LEU A 240 13.73 18.30 -32.24
CA LEU A 240 13.24 19.51 -32.88
C LEU A 240 11.74 19.71 -32.68
N SER A 241 11.02 18.59 -32.66
CA SER A 241 9.56 18.66 -32.64
C SER A 241 8.92 17.38 -32.12
N TRP A 242 7.76 17.50 -31.50
CA TRP A 242 6.96 16.34 -31.09
C TRP A 242 5.71 16.26 -31.93
N LYS A 243 5.30 15.05 -32.32
CA LYS A 243 3.95 14.88 -32.85
C LYS A 243 3.09 14.26 -31.77
N VAL A 244 2.19 15.07 -31.21
CA VAL A 244 1.38 14.64 -30.08
C VAL A 244 0.05 14.00 -30.52
N LYS A 245 -0.45 13.13 -29.65
CA LYS A 245 -1.79 12.59 -29.79
C LYS A 245 -2.69 13.28 -28.77
N LEU A 246 -3.71 13.98 -29.24
CA LEU A 246 -4.64 14.68 -28.34
C LEU A 246 -5.66 13.71 -27.76
N VAL A 247 -5.99 13.88 -26.48
CA VAL A 247 -6.85 12.93 -25.78
C VAL A 247 -8.18 13.58 -25.47
N ASP A 248 -9.20 12.75 -25.26
CA ASP A 248 -10.55 13.26 -25.15
C ASP A 248 -10.88 13.61 -23.71
N VAL A 249 -11.59 14.72 -23.55
CA VAL A 249 -12.10 15.12 -22.26
C VAL A 249 -13.49 15.62 -22.48
N PRO A 250 -14.34 15.47 -21.47
CA PRO A 250 -15.65 16.12 -21.53
C PRO A 250 -15.53 17.64 -21.42
N SER A 251 -16.45 18.34 -22.06
CA SER A 251 -16.52 19.79 -21.98
C SER A 251 -16.72 20.24 -20.53
N THR A 252 -17.22 19.35 -19.69
CA THR A 252 -17.37 19.63 -18.26
C THR A 252 -16.61 18.63 -17.40
N ILE A 253 -15.65 19.12 -16.63
CA ILE A 253 -15.00 18.30 -15.62
C ILE A 253 -15.17 18.92 -14.24
N THR A 254 -14.63 18.26 -13.22
CA THR A 254 -14.82 18.72 -11.86
C THR A 254 -13.51 18.74 -11.09
N VAL A 255 -13.16 19.92 -10.56
CA VAL A 255 -12.06 20.03 -9.59
C VAL A 255 -12.62 20.15 -8.16
N PHE A 256 -11.76 19.87 -7.17
CA PHE A 256 -12.14 19.97 -5.76
C PHE A 256 -10.92 20.26 -4.86
N LYS A 257 -11.19 20.90 -3.72
CA LYS A 257 -10.14 21.20 -2.77
C LYS A 257 -10.69 20.98 -1.39
N VAL A 258 -9.94 20.29 -0.55
CA VAL A 258 -10.28 20.14 0.85
C VAL A 258 -9.03 20.44 1.67
N GLN A 259 -9.20 21.29 2.67
CA GLN A 259 -8.09 21.70 3.52
C GLN A 259 -8.24 21.09 4.92
N LYS A 260 -7.14 20.58 5.47
CA LYS A 260 -7.13 20.05 6.82
C LYS A 260 -5.97 20.63 7.60
N THR A 261 -6.27 21.40 8.63
CA THR A 261 -5.25 22.09 9.40
C THR A 261 -4.92 21.33 10.69
N SER A 262 -5.80 20.41 11.07
CA SER A 262 -5.60 19.59 12.26
C SER A 262 -4.73 18.37 11.96
N LYS A 263 -3.55 18.31 12.58
CA LYS A 263 -2.58 17.25 12.31
C LYS A 263 -3.23 15.90 12.53
N LYS A 264 -3.83 15.70 13.69
CA LYS A 264 -4.44 14.42 14.01
C LYS A 264 -5.43 13.97 12.93
N GLU A 265 -6.34 14.86 12.55
CA GLU A 265 -7.36 14.49 11.57
C GLU A 265 -6.72 14.25 10.21
N ALA A 266 -5.81 15.13 9.81
CA ALA A 266 -5.15 15.06 8.50
C ALA A 266 -4.28 13.81 8.32
N VAL A 267 -3.60 13.41 9.38
CA VAL A 267 -2.75 12.22 9.35
C VAL A 267 -3.64 10.98 9.16
N ARG A 268 -4.78 10.99 9.83
CA ARG A 268 -5.81 9.95 9.69
C ARG A 268 -6.26 9.76 8.25
N ILE A 269 -6.50 10.89 7.58
CA ILE A 269 -7.00 10.95 6.21
C ILE A 269 -5.91 10.58 5.19
N ILE A 270 -4.69 11.00 5.47
CA ILE A 270 -3.55 10.66 4.62
C ILE A 270 -3.31 9.13 4.62
N LYS A 271 -3.40 8.52 5.81
CA LYS A 271 -3.30 7.06 5.94
C LYS A 271 -4.29 6.34 5.04
N LYS A 272 -5.53 6.83 5.02
CA LYS A 272 -6.57 6.27 4.17
C LYS A 272 -6.33 6.55 2.68
N TRP A 273 -5.86 7.76 2.37
CA TRP A 273 -5.52 8.12 0.99
C TRP A 273 -4.53 7.11 0.40
N GLN A 274 -3.60 6.66 1.22
CA GLN A 274 -2.53 5.78 0.76
C GLN A 274 -3.02 4.46 0.22
N TYR A 275 -4.18 4.04 0.70
CA TYR A 275 -4.76 2.77 0.28
C TYR A 275 -5.77 2.94 -0.86
N ALA A 276 -6.34 4.15 -0.97
CA ALA A 276 -7.43 4.40 -1.90
C ALA A 276 -7.03 5.06 -3.21
N ALA A 277 -6.04 5.96 -3.16
CA ALA A 277 -5.75 6.93 -4.22
C ALA A 277 -5.35 6.33 -5.56
N ASP A 278 -4.58 5.23 -5.54
CA ASP A 278 -4.14 4.57 -6.76
C ASP A 278 -5.11 3.51 -7.30
N LYS A 279 -6.20 3.29 -6.56
CA LYS A 279 -7.15 2.24 -6.92
C LYS A 279 -8.52 2.78 -7.32
N VAL A 280 -8.72 4.09 -7.23
CA VAL A 280 -9.99 4.69 -7.61
C VAL A 280 -10.10 4.67 -9.13
N PRO A 281 -11.28 5.02 -9.70
CA PRO A 281 -11.33 4.96 -11.17
C PRO A 281 -10.32 5.89 -11.82
N ASP A 282 -9.95 5.57 -13.06
CA ASP A 282 -8.97 6.33 -13.84
C ASP A 282 -9.36 7.79 -13.96
N ASP A 283 -10.66 8.06 -13.89
CA ASP A 283 -11.20 9.40 -14.02
C ASP A 283 -10.90 10.32 -12.81
N LEU A 284 -10.56 9.72 -11.68
CA LEU A 284 -10.33 10.46 -10.44
C LEU A 284 -8.85 10.60 -10.06
N PHE A 285 -8.40 11.85 -10.00
CA PHE A 285 -7.05 12.21 -9.61
C PHE A 285 -7.09 12.90 -8.25
N ILE A 286 -6.45 12.32 -7.25
CA ILE A 286 -6.41 12.93 -5.92
C ILE A 286 -4.97 13.08 -5.38
N ARG A 287 -4.52 14.32 -5.32
CA ARG A 287 -3.18 14.66 -4.83
C ARG A 287 -3.21 15.20 -3.39
N THR A 288 -2.18 14.90 -2.62
CA THR A 288 -2.03 15.40 -1.27
C THR A 288 -0.76 16.24 -1.20
N THR A 289 -0.89 17.48 -0.78
CA THR A 289 0.29 18.31 -0.59
C THR A 289 0.40 18.77 0.86
N LEU A 290 1.53 18.49 1.45
CA LEU A 290 1.83 19.01 2.76
C LEU A 290 2.68 20.26 2.62
N GLU A 291 2.25 21.35 3.23
CA GLU A 291 2.91 22.65 3.05
C GLU A 291 2.36 23.66 4.04
N ARG A 292 2.92 24.86 4.03
CA ARG A 292 2.39 25.96 4.84
C ARG A 292 1.12 26.55 4.27
N SER A 293 0.27 27.06 5.14
CA SER A 293 -0.90 27.83 4.74
C SER A 293 -0.63 29.32 4.88
N ASN A 294 -1.53 30.14 4.35
CA ASN A 294 -1.46 31.59 4.46
C ASN A 294 -1.33 32.05 5.90
N LYS A 295 -1.88 31.25 6.81
CA LYS A 295 -1.84 31.54 8.24
C LYS A 295 -0.59 30.94 8.87
N ASN A 296 0.41 30.66 8.03
CA ASN A 296 1.74 30.22 8.47
C ASN A 296 1.73 28.98 9.37
N ALA A 297 0.87 28.02 9.04
CA ALA A 297 0.83 26.75 9.74
C ALA A 297 0.77 25.59 8.76
N VAL A 298 1.29 24.44 9.17
CA VAL A 298 1.27 23.26 8.32
C VAL A 298 -0.15 22.74 8.15
N HIS A 299 -0.50 22.40 6.91
CA HIS A 299 -1.79 21.82 6.65
C HIS A 299 -1.63 20.77 5.54
N ALA A 300 -2.63 19.90 5.41
CA ALA A 300 -2.74 18.96 4.29
C ALA A 300 -3.75 19.48 3.29
N LEU A 301 -3.30 19.67 2.06
CA LEU A 301 -4.15 20.14 0.98
C LEU A 301 -4.47 18.98 0.02
N PHE A 302 -5.72 18.56 0.01
CA PHE A 302 -6.21 17.54 -0.92
C PHE A 302 -6.91 18.19 -2.10
N THR A 303 -6.27 18.12 -3.26
CA THR A 303 -6.82 18.69 -4.49
C THR A 303 -6.95 17.60 -5.53
N GLY A 304 -7.90 17.78 -6.44
CA GLY A 304 -8.15 16.74 -7.41
C GLY A 304 -8.88 17.17 -8.65
N LEU A 305 -8.81 16.32 -9.66
CA LEU A 305 -9.47 16.55 -10.93
C LEU A 305 -10.26 15.29 -11.25
N TYR A 306 -11.56 15.45 -11.45
CA TYR A 306 -12.39 14.33 -11.82
C TYR A 306 -12.87 14.53 -13.25
N ILE A 307 -12.64 13.52 -14.10
CA ILE A 307 -13.07 13.58 -15.50
C ILE A 307 -14.55 13.17 -15.61
N GLY A 308 -15.44 14.08 -15.21
CA GLY A 308 -16.87 13.82 -15.17
C GLY A 308 -17.57 14.85 -14.31
N PRO A 309 -18.90 14.70 -14.15
CA PRO A 309 -19.82 15.61 -13.45
C PRO A 309 -19.65 15.64 -11.93
N VAL A 310 -20.10 16.72 -11.29
CA VAL A 310 -19.89 16.85 -9.86
C VAL A 310 -20.68 15.82 -9.05
N ASN A 311 -21.87 15.44 -9.48
CA ASN A 311 -22.64 14.48 -8.67
C ASN A 311 -21.99 13.09 -8.70
N ASN A 312 -21.35 12.76 -9.82
CA ASN A 312 -20.65 11.49 -9.96
C ASN A 312 -19.38 11.46 -9.15
N LEU A 313 -18.69 12.60 -9.06
CA LEU A 313 -17.52 12.71 -8.20
C LEU A 313 -17.92 12.45 -6.76
N LEU A 314 -19.02 13.07 -6.33
CA LEU A 314 -19.46 13.05 -4.94
C LEU A 314 -19.89 11.66 -4.49
N ALA A 315 -20.61 10.96 -5.36
CA ALA A 315 -21.07 9.61 -5.08
C ALA A 315 -19.89 8.66 -5.04
N LEU A 316 -18.91 8.93 -5.90
CA LEU A 316 -17.71 8.10 -5.95
C LEU A 316 -16.86 8.31 -4.70
N MET A 317 -16.86 9.54 -4.17
CA MET A 317 -15.96 9.85 -3.07
C MET A 317 -16.51 9.46 -1.70
N GLU A 318 -17.82 9.31 -1.58
CA GLU A 318 -18.41 8.84 -0.32
C GLU A 318 -18.24 7.32 -0.23
N GLU A 319 -18.16 6.71 -1.39
CA GLU A 319 -17.95 5.28 -1.57
C GLU A 319 -16.51 4.85 -1.27
N LYS A 320 -15.54 5.55 -1.86
CA LYS A 320 -14.15 5.13 -1.79
C LYS A 320 -13.30 5.91 -0.76
N PHE A 321 -13.71 7.13 -0.44
CA PHE A 321 -12.90 8.03 0.39
C PHE A 321 -13.78 8.93 1.26
N PRO A 322 -14.69 8.34 2.08
CA PRO A 322 -15.60 9.21 2.81
C PRO A 322 -14.90 9.94 3.95
N GLU A 323 -13.68 9.55 4.27
CA GLU A 323 -12.94 10.19 5.34
C GLU A 323 -12.50 11.62 4.97
N LEU A 324 -12.42 11.91 3.67
CA LEU A 324 -12.06 13.24 3.22
C LEU A 324 -13.15 14.27 3.54
N GLY A 325 -14.40 13.82 3.54
CA GLY A 325 -15.51 14.67 3.91
C GLY A 325 -15.84 15.68 2.83
N LEU A 326 -15.57 15.32 1.57
CA LEU A 326 -15.87 16.18 0.43
C LEU A 326 -17.35 16.43 0.26
N GLU A 327 -17.71 17.70 0.10
CA GLU A 327 -19.10 18.09 -0.19
C GLU A 327 -19.13 19.00 -1.40
N LYS A 328 -20.32 19.29 -1.91
CA LYS A 328 -20.46 20.07 -3.15
C LYS A 328 -19.73 21.41 -3.12
N GLU A 329 -19.66 21.98 -1.92
CA GLU A 329 -19.11 23.31 -1.74
C GLU A 329 -17.62 23.30 -2.00
N GLY A 330 -17.02 22.12 -1.85
CA GLY A 330 -15.60 21.95 -2.08
C GLY A 330 -15.30 21.71 -3.54
N CYS A 331 -16.36 21.61 -4.33
CA CYS A 331 -16.24 21.25 -5.75
C CYS A 331 -16.54 22.39 -6.72
N GLU A 332 -15.94 22.32 -7.89
CA GLU A 332 -16.22 23.30 -8.93
C GLU A 332 -16.18 22.65 -10.31
N GLU A 333 -17.30 22.72 -11.02
CA GLU A 333 -17.36 22.26 -12.41
C GLU A 333 -16.81 23.34 -13.33
N MET A 334 -15.93 22.94 -14.24
CA MET A 334 -15.33 23.87 -15.20
C MET A 334 -14.81 23.06 -16.39
N SER A 335 -14.22 23.72 -17.37
CA SER A 335 -13.62 23.02 -18.50
C SER A 335 -12.23 22.49 -18.12
N TRP A 336 -11.67 21.57 -18.90
CA TRP A 336 -10.35 21.07 -18.56
C TRP A 336 -9.32 22.19 -18.65
N ILE A 337 -9.42 23.02 -19.68
CA ILE A 337 -8.46 24.08 -19.83
C ILE A 337 -8.57 25.05 -18.64
N GLU A 338 -9.76 25.23 -18.11
CA GLU A 338 -9.91 26.10 -16.94
C GLU A 338 -9.28 25.42 -15.71
N SER A 339 -9.29 24.09 -15.68
CA SER A 339 -8.70 23.34 -14.57
C SER A 339 -7.17 23.45 -14.60
N VAL A 340 -6.62 23.69 -15.78
CA VAL A 340 -5.19 23.98 -15.92
C VAL A 340 -4.81 25.28 -15.19
N LEU A 341 -5.58 26.34 -15.38
CA LEU A 341 -5.35 27.57 -14.66
C LEU A 341 -5.52 27.33 -13.17
N TRP A 342 -6.49 26.48 -12.85
CA TRP A 342 -6.82 26.20 -11.47
C TRP A 342 -5.61 25.60 -10.78
N PHE A 343 -5.09 24.53 -11.35
CA PHE A 343 -3.95 23.84 -10.74
C PHE A 343 -2.70 24.70 -10.81
N ALA A 344 -2.63 25.61 -11.77
CA ALA A 344 -1.48 26.50 -11.86
C ALA A 344 -1.61 27.73 -10.94
N ASP A 345 -2.59 27.71 -10.04
CA ASP A 345 -2.76 28.72 -8.99
C ASP A 345 -3.12 30.13 -9.43
N PHE A 346 -3.79 30.25 -10.56
CA PHE A 346 -4.31 31.55 -10.99
C PHE A 346 -5.64 31.85 -10.29
N PRO A 347 -6.01 33.15 -10.20
CA PRO A 347 -7.33 33.53 -9.71
C PRO A 347 -8.46 32.85 -10.50
N LYS A 348 -9.60 32.60 -9.88
CA LYS A 348 -10.66 31.89 -10.58
C LYS A 348 -11.37 32.82 -11.56
N GLY A 349 -11.58 32.34 -12.77
CA GLY A 349 -12.15 33.18 -13.80
C GLY A 349 -11.13 34.07 -14.49
N GLU A 350 -9.86 33.78 -14.28
CA GLU A 350 -8.77 34.47 -15.00
C GLU A 350 -8.80 34.13 -16.50
N SER A 351 -8.31 35.05 -17.34
CA SER A 351 -8.23 34.82 -18.77
C SER A 351 -7.22 33.72 -19.11
N LEU A 352 -7.55 32.88 -20.10
CA LEU A 352 -6.69 31.76 -20.51
C LEU A 352 -5.32 32.21 -20.99
N GLY A 353 -5.20 33.48 -21.35
CA GLY A 353 -3.97 34.03 -21.87
C GLY A 353 -2.76 33.97 -20.95
N VAL A 354 -2.97 33.79 -19.66
CA VAL A 354 -1.86 33.75 -18.72
C VAL A 354 -1.04 32.49 -18.92
N LEU A 355 -1.61 31.54 -19.64
CA LEU A 355 -0.92 30.29 -19.94
C LEU A 355 0.27 30.52 -20.82
N THR A 356 0.21 31.62 -21.58
CA THR A 356 1.22 32.00 -22.56
C THR A 356 2.37 32.83 -22.02
N ASN A 357 2.31 33.22 -20.74
CA ASN A 357 3.41 33.96 -20.13
C ASN A 357 4.62 33.05 -19.93
N ARG A 358 5.79 33.58 -20.25
CA ARG A 358 7.03 32.84 -20.02
C ARG A 358 7.91 33.70 -19.14
N GLU A 359 7.41 34.07 -17.96
CA GLU A 359 8.20 34.95 -17.13
C GLU A 359 9.14 34.16 -16.22
N ARG A 360 10.23 34.80 -15.83
CA ARG A 360 11.25 34.18 -14.99
C ARG A 360 10.71 33.97 -13.59
N THR A 361 10.98 32.80 -13.00
CA THR A 361 10.61 32.58 -11.61
C THR A 361 11.51 33.39 -10.67
N SER A 362 11.05 33.56 -9.43
CA SER A 362 11.83 34.31 -8.46
C SER A 362 12.22 33.42 -7.30
N LEU A 363 11.77 32.17 -7.34
CA LEU A 363 12.02 31.20 -6.27
C LEU A 363 13.01 30.13 -6.69
N SER A 364 14.15 30.09 -6.00
CA SER A 364 15.11 29.00 -6.14
C SER A 364 14.59 27.79 -5.40
N PHE A 365 15.08 26.61 -5.75
CA PHE A 365 14.62 25.40 -5.10
C PHE A 365 15.65 24.28 -5.12
N LYS A 366 15.46 23.31 -4.22
CA LYS A 366 16.13 22.03 -4.29
C LYS A 366 15.05 20.97 -4.19
N GLY A 367 15.02 20.04 -5.14
CA GLY A 367 14.04 18.97 -5.13
C GLY A 367 14.65 17.59 -5.22
N LYS A 368 14.01 16.65 -4.53
CA LYS A 368 14.34 15.21 -4.60
C LYS A 368 13.02 14.46 -4.66
N ASP A 369 13.03 13.21 -5.10
CA ASP A 369 11.77 12.47 -5.07
C ASP A 369 11.97 10.97 -4.84
N ASP A 370 10.84 10.28 -4.65
CA ASP A 370 10.79 8.88 -4.29
C ASP A 370 9.54 8.22 -4.86
N PHE A 371 9.56 6.91 -4.88
CA PHE A 371 8.38 6.14 -5.20
C PHE A 371 8.05 5.25 -4.01
N VAL A 372 6.78 5.27 -3.61
CA VAL A 372 6.30 4.47 -2.51
C VAL A 372 5.54 3.28 -3.08
N GLN A 373 5.90 2.09 -2.62
CA GLN A 373 5.34 0.85 -3.16
C GLN A 373 4.37 0.18 -2.19
N GLU A 374 4.45 0.57 -0.93
CA GLU A 374 3.49 0.11 0.07
C GLU A 374 3.35 1.19 1.14
N PRO A 375 2.14 1.32 1.72
CA PRO A 375 1.81 2.47 2.57
C PRO A 375 2.82 2.69 3.70
N ILE A 376 3.27 3.93 3.84
CA ILE A 376 4.20 4.28 4.91
C ILE A 376 3.41 4.35 6.21
N PRO A 377 4.07 4.03 7.34
CA PRO A 377 3.39 4.02 8.64
C PRO A 377 2.92 5.40 9.11
N GLU A 378 1.90 5.40 9.94
CA GLU A 378 1.37 6.60 10.55
C GLU A 378 2.50 7.42 11.15
N ALA A 379 3.46 6.73 11.74
CA ALA A 379 4.65 7.35 12.33
C ALA A 379 5.47 8.13 11.31
N ALA A 380 5.58 7.59 10.10
CA ALA A 380 6.31 8.30 9.04
C ALA A 380 5.57 9.58 8.67
N ILE A 381 4.25 9.49 8.58
CA ILE A 381 3.43 10.63 8.18
C ILE A 381 3.54 11.78 9.19
N GLN A 382 3.54 11.45 10.47
CA GLN A 382 3.64 12.48 11.51
C GLN A 382 4.98 13.18 11.48
N GLU A 383 6.04 12.43 11.21
CA GLU A 383 7.38 12.99 11.23
C GLU A 383 7.62 13.95 10.08
N ILE A 384 7.14 13.59 8.89
CA ILE A 384 7.38 14.47 7.74
C ILE A 384 6.50 15.71 7.87
N TRP A 385 5.35 15.57 8.55
CA TRP A 385 4.55 16.72 8.94
C TRP A 385 5.34 17.62 9.90
N ARG A 386 5.97 16.99 10.89
CA ARG A 386 6.77 17.71 11.86
C ARG A 386 7.89 18.51 11.20
N ARG A 387 8.54 17.93 10.21
CA ARG A 387 9.69 18.61 9.61
C ARG A 387 9.28 19.86 8.82
N LEU A 388 8.03 19.92 8.37
CA LEU A 388 7.56 21.10 7.66
C LEU A 388 7.31 22.29 8.58
N GLU A 389 7.23 22.03 9.88
CA GLU A 389 7.14 23.11 10.86
C GLU A 389 8.46 23.87 11.01
N ALA A 390 9.52 23.34 10.41
CA ALA A 390 10.85 23.95 10.45
C ALA A 390 10.83 25.34 9.82
N PRO A 391 11.63 26.27 10.37
CA PRO A 391 11.61 27.65 9.87
C PRO A 391 12.00 27.70 8.41
N GLU A 392 13.00 26.91 8.03
CA GLU A 392 13.52 26.92 6.67
C GLU A 392 12.60 26.14 5.71
N ALA A 393 11.55 25.53 6.25
CA ALA A 393 10.56 24.85 5.41
C ALA A 393 9.31 25.71 5.15
N ARG A 394 9.42 27.03 5.33
CA ARG A 394 8.28 27.94 5.14
C ARG A 394 7.78 27.93 3.70
N LEU A 395 8.69 27.80 2.74
CA LEU A 395 8.29 27.73 1.34
C LEU A 395 8.55 26.35 0.74
N GLY A 396 8.54 25.34 1.61
CA GLY A 396 8.76 23.96 1.19
C GLY A 396 7.50 23.15 1.05
N LYS A 397 7.59 22.07 0.28
CA LYS A 397 6.45 21.23 0.00
C LYS A 397 6.82 19.74 0.02
N ILE A 398 5.89 18.90 0.50
CA ILE A 398 5.97 17.47 0.23
C ILE A 398 4.70 17.07 -0.50
N ILE A 399 4.87 16.64 -1.75
CA ILE A 399 3.75 16.46 -2.67
C ILE A 399 3.57 15.00 -3.02
N LEU A 400 2.39 14.46 -2.74
CA LEU A 400 2.11 13.06 -3.01
C LEU A 400 1.18 12.93 -4.22
N THR A 401 1.73 12.33 -5.29
CA THR A 401 1.04 12.20 -6.57
C THR A 401 0.67 10.74 -6.85
N PRO A 402 -0.64 10.46 -6.94
CA PRO A 402 -1.09 9.07 -7.07
C PRO A 402 -0.80 8.46 -8.45
N PHE A 403 -0.24 7.26 -8.46
CA PHE A 403 -0.11 6.50 -9.70
C PHE A 403 -1.31 5.52 -9.82
N GLY A 404 -1.09 4.30 -10.26
CA GLY A 404 -2.21 3.42 -10.51
C GLY A 404 -2.94 3.88 -11.77
N GLY A 405 -4.10 3.31 -12.06
CA GLY A 405 -4.75 3.61 -13.33
C GLY A 405 -3.87 3.25 -14.51
N LYS A 406 -3.79 4.14 -15.49
CA LYS A 406 -3.01 3.87 -16.69
C LYS A 406 -1.55 3.62 -16.33
N MET A 407 -1.12 4.19 -15.21
CA MET A 407 0.28 4.09 -14.80
C MET A 407 0.66 2.68 -14.36
N SER A 408 -0.30 1.88 -13.90
CA SER A 408 0.02 0.50 -13.53
C SER A 408 -0.44 -0.44 -14.64
N GLU A 409 -1.30 0.11 -15.51
CA GLU A 409 -1.76 -0.62 -16.68
C GLU A 409 -0.58 -0.84 -17.63
N MET A 410 0.13 0.25 -17.91
CA MET A 410 1.34 0.19 -18.76
C MET A 410 2.46 -0.59 -18.09
N ALA A 411 3.21 -1.35 -18.89
CA ALA A 411 4.32 -2.15 -18.35
C ALA A 411 5.61 -1.34 -18.36
N GLU A 412 6.55 -1.71 -17.50
CA GLU A 412 7.81 -0.98 -17.36
C GLU A 412 8.54 -0.75 -18.70
N TYR A 413 8.59 -1.80 -19.54
CA TYR A 413 9.36 -1.82 -20.78
C TYR A 413 8.83 -0.91 -21.89
N GLU A 414 7.60 -0.44 -21.77
CA GLU A 414 6.94 0.26 -22.88
C GLU A 414 7.60 1.58 -23.27
N THR A 415 7.98 2.38 -22.28
CA THR A 415 8.75 3.59 -22.52
C THR A 415 9.86 3.59 -21.47
N PRO A 416 10.92 4.38 -21.69
CA PRO A 416 12.03 4.36 -20.73
C PRO A 416 11.63 4.62 -19.26
N PHE A 417 10.63 5.47 -19.02
CA PHE A 417 10.10 5.68 -17.67
C PHE A 417 9.67 4.33 -17.06
N PRO A 418 10.31 3.93 -15.95
CA PRO A 418 10.13 2.57 -15.47
C PRO A 418 9.09 2.38 -14.37
N HIS A 419 8.62 3.47 -13.78
CA HIS A 419 7.86 3.40 -12.54
C HIS A 419 6.37 3.21 -12.79
N ARG A 420 5.98 1.98 -13.03
CA ARG A 420 4.61 1.66 -13.37
C ARG A 420 3.97 0.82 -12.26
N GLY A 421 3.39 -0.33 -12.62
CA GLY A 421 2.77 -1.21 -11.65
C GLY A 421 3.65 -1.49 -10.45
N GLY A 422 3.04 -1.54 -9.26
CA GLY A 422 3.78 -1.75 -8.03
C GLY A 422 4.12 -0.45 -7.31
N ASN A 423 3.93 0.67 -7.99
CA ASN A 423 4.12 1.97 -7.38
C ASN A 423 2.78 2.57 -7.08
N LEU A 424 2.53 2.81 -5.79
CA LEU A 424 1.28 3.41 -5.34
C LEU A 424 1.24 4.90 -5.69
N TYR A 425 2.30 5.62 -5.36
CA TYR A 425 2.39 7.05 -5.66
C TYR A 425 3.83 7.52 -5.69
N GLU A 426 4.02 8.72 -6.19
CA GLU A 426 5.32 9.34 -6.23
C GLU A 426 5.30 10.49 -5.22
N ILE A 427 6.44 10.74 -4.58
CA ILE A 427 6.49 11.79 -3.59
C ILE A 427 7.71 12.69 -3.84
N GLN A 428 7.47 14.00 -3.87
CA GLN A 428 8.53 14.97 -4.07
C GLN A 428 8.70 15.82 -2.83
N TYR A 429 9.93 15.96 -2.38
CA TYR A 429 10.27 16.90 -1.30
C TYR A 429 11.03 18.07 -1.92
N VAL A 430 10.44 19.26 -1.88
CA VAL A 430 11.05 20.40 -2.54
C VAL A 430 11.00 21.64 -1.63
N ALA A 431 12.13 22.33 -1.50
CA ALA A 431 12.17 23.54 -0.71
C ALA A 431 12.38 24.72 -1.63
N TYR A 432 11.55 25.74 -1.50
CA TYR A 432 11.68 26.98 -2.27
C TYR A 432 12.23 28.08 -1.39
N TRP A 433 12.94 29.02 -1.98
CA TRP A 433 13.39 30.19 -1.25
C TRP A 433 13.56 31.36 -2.21
N ARG A 434 13.52 32.59 -1.66
CA ARG A 434 13.63 33.79 -2.48
C ARG A 434 15.04 33.92 -3.05
N GLU A 435 15.14 34.31 -4.32
CA GLU A 435 16.41 34.35 -5.03
C GLU A 435 17.41 35.34 -4.43
N GLU A 436 16.88 36.36 -3.75
CA GLU A 436 17.69 37.35 -3.03
C GLU A 436 18.72 36.71 -2.13
N GLU A 437 18.30 35.65 -1.45
CA GLU A 437 19.12 34.95 -0.45
C GLU A 437 20.34 34.27 -1.05
N ASP A 438 20.30 33.97 -2.35
CA ASP A 438 21.39 33.27 -3.03
C ASP A 438 22.74 34.00 -2.96
N LYS A 439 22.72 35.27 -2.59
CA LYS A 439 23.94 36.08 -2.43
C LYS A 439 24.94 35.48 -1.43
N ASN A 440 24.45 34.66 -0.50
CA ASN A 440 25.28 34.02 0.53
C ASN A 440 25.00 32.52 0.57
N LYS A 441 25.77 31.75 -0.21
CA LYS A 441 25.54 30.31 -0.40
C LYS A 441 25.40 29.58 0.93
N THR A 442 26.21 30.01 1.89
CA THR A 442 26.23 29.44 3.23
C THR A 442 24.84 29.58 3.90
N GLU A 443 24.12 30.64 3.55
CA GLU A 443 22.80 30.87 4.13
C GLU A 443 21.73 29.95 3.50
N THR A 444 21.86 29.67 2.20
CA THR A 444 20.88 28.83 1.53
C THR A 444 21.16 27.35 1.74
N ASP A 445 22.24 27.06 2.45
CA ASP A 445 22.61 25.70 2.80
C ASP A 445 21.52 25.00 3.61
N LYS A 446 20.86 25.75 4.48
CA LYS A 446 19.88 25.18 5.39
C LYS A 446 18.70 24.53 4.64
N TYR A 447 18.45 25.00 3.42
CA TYR A 447 17.39 24.46 2.58
C TYR A 447 17.78 23.12 1.96
N LEU A 448 19.00 23.06 1.45
CA LEU A 448 19.58 21.82 0.96
C LEU A 448 19.55 20.77 2.06
N LYS A 449 20.10 21.13 3.22
CA LYS A 449 20.14 20.24 4.37
C LYS A 449 18.76 19.75 4.75
N TRP A 450 17.78 20.65 4.70
CA TRP A 450 16.39 20.30 5.02
C TRP A 450 15.88 19.22 4.08
N VAL A 451 16.07 19.43 2.79
CA VAL A 451 15.60 18.50 1.76
C VAL A 451 16.35 17.17 1.85
N ASP A 452 17.65 17.23 2.14
CA ASP A 452 18.45 16.02 2.28
C ASP A 452 18.00 15.18 3.47
N SER A 453 17.61 15.86 4.55
CA SER A 453 17.33 15.20 5.82
C SER A 453 16.01 14.43 5.81
N VAL A 454 14.98 15.00 5.19
CA VAL A 454 13.68 14.33 5.11
C VAL A 454 13.78 13.13 4.16
N TYR A 455 14.57 13.28 3.11
CA TYR A 455 14.82 12.21 2.15
C TYR A 455 15.51 11.03 2.83
N GLU A 456 16.57 11.34 3.58
CA GLU A 456 17.25 10.32 4.35
C GLU A 456 16.27 9.63 5.31
N PHE A 457 15.40 10.42 5.94
CA PHE A 457 14.46 9.85 6.87
C PHE A 457 13.56 8.85 6.18
N MET A 458 13.18 9.15 4.93
CA MET A 458 12.18 8.34 4.22
C MET A 458 12.73 7.02 3.66
N THR A 459 14.05 6.82 3.74
CA THR A 459 14.71 5.65 3.18
C THR A 459 13.99 4.30 3.44
N PRO A 460 13.72 3.95 4.72
CA PRO A 460 13.13 2.63 4.92
C PRO A 460 11.72 2.44 4.38
N TYR A 461 11.08 3.49 3.88
CA TYR A 461 9.66 3.43 3.55
C TYR A 461 9.38 3.50 2.05
N VAL A 462 10.40 3.82 1.27
CA VAL A 462 10.24 3.94 -0.17
C VAL A 462 10.95 2.80 -0.93
N SER A 463 10.87 2.84 -2.26
CA SER A 463 11.43 1.77 -3.10
C SER A 463 12.91 1.62 -2.82
N LYS A 464 13.43 0.41 -3.01
CA LYS A 464 14.83 0.16 -2.72
C LYS A 464 15.39 -0.84 -3.71
N SER A 465 16.70 -0.79 -3.91
CA SER A 465 17.40 -1.72 -4.79
C SER A 465 16.72 -1.97 -6.14
N PRO A 466 16.66 -0.93 -7.00
CA PRO A 466 17.20 0.41 -6.74
C PRO A 466 16.15 1.32 -6.10
N ARG A 467 16.62 2.38 -5.43
CA ARG A 467 15.74 3.44 -4.96
C ARG A 467 15.31 4.29 -6.16
N GLY A 468 14.05 4.17 -6.57
CA GLY A 468 13.59 4.87 -7.76
C GLY A 468 13.60 6.39 -7.70
N ALA A 469 13.91 7.00 -8.84
CA ALA A 469 13.95 8.46 -8.98
C ALA A 469 13.38 8.90 -10.35
N TYR A 470 12.73 10.06 -10.37
CA TYR A 470 12.16 10.63 -11.59
C TYR A 470 13.17 11.57 -12.32
N VAL A 471 13.52 11.22 -13.57
CA VAL A 471 14.61 11.90 -14.29
C VAL A 471 14.28 13.35 -14.61
N ASN A 472 13.00 13.70 -14.62
CA ASN A 472 12.60 15.09 -14.78
C ASN A 472 12.85 15.90 -13.51
N PHE A 473 13.09 15.22 -12.40
CA PHE A 473 13.58 15.90 -11.20
C PHE A 473 15.08 15.57 -11.04
N LYS A 474 15.93 16.10 -11.91
CA LYS A 474 17.36 15.78 -11.89
C LYS A 474 18.02 16.08 -10.54
N ASP A 475 18.80 15.12 -10.05
CA ASP A 475 19.43 15.23 -8.73
C ASP A 475 20.88 14.70 -8.77
N MET A 476 21.82 15.64 -8.79
CA MET A 476 23.25 15.31 -8.79
C MET A 476 23.66 14.54 -7.54
N ASP A 477 22.86 14.64 -6.50
CA ASP A 477 23.13 13.98 -5.22
C ASP A 477 22.97 12.47 -5.32
N LEU A 478 22.31 11.99 -6.37
CA LEU A 478 22.25 10.54 -6.65
C LEU A 478 23.54 10.05 -7.32
N GLY A 479 24.36 10.99 -7.80
CA GLY A 479 25.64 10.69 -8.41
C GLY A 479 25.89 11.40 -9.73
N MET A 480 27.16 11.58 -10.08
CA MET A 480 27.54 12.18 -11.36
C MET A 480 28.88 11.62 -11.85
N TYR A 481 29.22 11.87 -13.11
CA TYR A 481 30.52 11.43 -13.64
C TYR A 481 31.68 12.28 -13.11
N LEU A 482 32.63 11.61 -12.44
CA LEU A 482 33.77 12.30 -11.85
C LEU A 482 35.05 11.51 -12.05
N GLY A 483 34.92 10.20 -12.22
CA GLY A 483 36.05 9.32 -12.38
C GLY A 483 36.14 8.29 -11.27
N LYS A 484 34.99 7.95 -10.69
CA LYS A 484 34.88 6.96 -9.62
C LYS A 484 35.16 5.53 -10.13
N LYS A 485 34.66 5.22 -11.33
CA LYS A 485 34.89 3.92 -11.96
C LYS A 485 35.78 4.08 -13.21
N LYS A 486 36.25 2.96 -13.76
CA LYS A 486 37.13 3.00 -14.93
C LYS A 486 36.43 3.55 -16.16
N THR A 487 35.24 3.05 -16.43
CA THR A 487 34.49 3.45 -17.61
C THR A 487 33.26 4.24 -17.22
N LYS A 488 32.72 4.97 -18.18
CA LYS A 488 31.51 5.72 -17.92
C LYS A 488 30.35 4.75 -17.67
N TYR A 489 30.37 3.61 -18.33
CA TYR A 489 29.27 2.65 -18.15
C TYR A 489 29.09 2.23 -16.70
N GLU A 490 30.19 1.91 -16.02
CA GLU A 490 30.09 1.42 -14.65
C GLU A 490 29.74 2.56 -13.69
N GLU A 491 30.19 3.77 -14.00
CA GLU A 491 29.90 4.90 -13.13
C GLU A 491 28.48 5.39 -13.34
N GLY A 492 28.04 5.42 -14.60
CA GLY A 492 26.72 5.91 -14.94
C GLY A 492 25.60 4.94 -14.59
N LYS A 493 25.96 3.67 -14.43
CA LYS A 493 25.04 2.62 -14.00
C LYS A 493 24.45 2.92 -12.63
N SER A 494 25.23 3.61 -11.81
CA SER A 494 24.86 3.94 -10.43
C SER A 494 23.53 4.68 -10.29
N TRP A 495 23.40 5.83 -10.93
CA TRP A 495 22.14 6.58 -10.92
C TRP A 495 21.21 6.13 -12.05
N GLY A 496 21.77 5.57 -13.12
CA GLY A 496 20.99 5.06 -14.23
C GLY A 496 19.86 4.11 -13.86
N VAL A 497 20.16 3.14 -13.00
CA VAL A 497 19.14 2.19 -12.56
C VAL A 497 18.11 2.83 -11.59
N LYS A 498 18.46 3.97 -10.99
CA LYS A 498 17.54 4.67 -10.12
C LYS A 498 16.45 5.40 -10.95
N TYR A 499 16.91 6.07 -11.99
CA TYR A 499 16.02 6.78 -12.90
C TYR A 499 15.22 5.85 -13.80
N PHE A 500 15.87 4.77 -14.29
CA PHE A 500 15.30 3.98 -15.36
C PHE A 500 15.12 2.49 -15.07
N LYS A 501 15.60 2.05 -13.91
CA LYS A 501 15.51 0.64 -13.46
C LYS A 501 15.92 -0.37 -14.54
N ASN A 502 15.04 -1.29 -14.91
CA ASN A 502 15.41 -2.33 -15.87
C ASN A 502 15.54 -1.82 -17.30
N ASN A 503 15.14 -0.57 -17.53
CA ASN A 503 15.22 0.04 -18.84
C ASN A 503 16.60 0.62 -19.13
N PHE A 504 17.47 0.64 -18.14
CA PHE A 504 18.78 1.27 -18.30
C PHE A 504 19.65 0.60 -19.39
N GLU A 505 19.66 -0.73 -19.44
CA GLU A 505 20.50 -1.44 -20.39
C GLU A 505 20.09 -1.15 -21.83
N ARG A 506 18.79 -1.15 -22.11
CA ARG A 506 18.32 -0.81 -23.46
C ARG A 506 18.74 0.60 -23.88
N LEU A 507 18.52 1.57 -22.98
CA LEU A 507 18.92 2.96 -23.24
C LEU A 507 20.39 3.06 -23.64
N VAL A 508 21.24 2.29 -22.94
CA VAL A 508 22.67 2.23 -23.22
C VAL A 508 22.96 1.61 -24.58
N ARG A 509 22.19 0.58 -24.93
CA ARG A 509 22.31 -0.01 -26.26
C ARG A 509 21.91 1.01 -27.33
N VAL A 510 20.75 1.63 -27.14
CA VAL A 510 20.29 2.65 -28.08
C VAL A 510 21.31 3.79 -28.15
N LYS A 511 21.78 4.23 -26.98
CA LYS A 511 22.80 5.28 -26.91
C LYS A 511 24.06 4.93 -27.72
N THR A 512 24.46 3.67 -27.67
CA THR A 512 25.67 3.24 -28.35
C THR A 512 25.49 3.24 -29.87
N ARG A 513 24.30 2.92 -30.34
CA ARG A 513 24.08 2.94 -31.79
C ARG A 513 23.95 4.36 -32.31
N VAL A 514 23.07 5.14 -31.70
CA VAL A 514 22.68 6.44 -32.24
C VAL A 514 23.71 7.55 -31.99
N ASP A 515 24.53 7.36 -30.95
CA ASP A 515 25.52 8.36 -30.54
C ASP A 515 26.81 7.70 -30.08
N PRO A 516 27.54 7.06 -31.03
CA PRO A 516 28.75 6.29 -30.72
C PRO A 516 29.99 7.14 -30.39
N THR A 517 29.93 8.43 -30.72
CA THR A 517 31.00 9.34 -30.35
C THR A 517 30.77 9.88 -28.95
N ASP A 518 29.57 9.61 -28.42
CA ASP A 518 29.12 10.18 -27.15
C ASP A 518 29.17 11.72 -27.18
N PHE A 519 28.68 12.33 -28.27
CA PHE A 519 28.68 13.79 -28.36
C PHE A 519 27.71 14.39 -27.34
N PHE A 520 26.51 13.84 -27.28
CA PHE A 520 25.51 14.36 -26.37
C PHE A 520 25.68 13.80 -24.97
N CYS A 521 26.38 14.55 -24.12
CA CYS A 521 26.67 14.11 -22.75
C CYS A 521 26.59 15.27 -21.76
N ASP A 522 26.06 14.98 -20.57
CA ASP A 522 26.15 15.90 -19.43
C ASP A 522 26.66 15.12 -18.21
N GLU A 523 26.43 15.67 -17.03
CA GLU A 523 26.97 15.07 -15.81
C GLU A 523 26.26 13.77 -15.35
N GLN A 524 25.11 13.45 -15.95
CA GLN A 524 24.36 12.24 -15.62
C GLN A 524 23.85 11.48 -16.86
N SER A 525 24.40 11.80 -18.03
CA SER A 525 23.90 11.21 -19.28
C SER A 525 24.11 9.69 -19.34
N ILE A 526 23.32 9.03 -20.20
CA ILE A 526 23.40 7.60 -20.41
C ILE A 526 24.75 7.28 -21.04
N PRO A 527 25.49 6.30 -20.46
CA PRO A 527 26.82 5.96 -20.98
C PRO A 527 26.81 5.00 -22.18
N LEU A 528 27.91 4.99 -22.90
CA LEU A 528 28.12 3.98 -23.92
C LEU A 528 28.40 2.64 -23.28
N VAL A 529 28.10 1.58 -24.02
CA VAL A 529 28.31 0.21 -23.57
C VAL A 529 29.81 -0.16 -23.47
N ASN A 530 30.11 -1.19 -22.68
CA ASN A 530 31.48 -1.70 -22.55
C ASN A 530 31.83 -2.67 -23.69
N HIS B 28 -39.59 -5.32 8.23
CA HIS B 28 -38.24 -4.96 7.79
C HIS B 28 -38.23 -3.65 7.01
N GLU B 29 -39.28 -3.47 6.22
CA GLU B 29 -39.45 -2.26 5.40
C GLU B 29 -39.61 -1.00 6.27
N ASP B 30 -40.05 -1.16 7.51
CA ASP B 30 -40.07 -0.04 8.45
C ASP B 30 -38.67 0.25 8.99
N PHE B 31 -37.93 -0.83 9.24
CA PHE B 31 -36.55 -0.76 9.73
C PHE B 31 -35.64 -0.05 8.74
N LEU B 32 -35.82 -0.35 7.45
CA LEU B 32 -35.02 0.28 6.41
C LEU B 32 -35.23 1.79 6.34
N LYS B 33 -36.47 2.22 6.57
CA LYS B 33 -36.82 3.64 6.47
C LYS B 33 -35.92 4.47 7.38
N CYS B 34 -35.55 3.90 8.52
CA CYS B 34 -34.65 4.58 9.44
C CYS B 34 -33.23 4.65 8.88
N VAL B 48 -24.70 2.94 1.70
CA VAL B 48 -24.17 1.87 2.54
C VAL B 48 -25.25 0.95 3.09
N ILE B 49 -26.50 1.20 2.70
CA ILE B 49 -27.57 0.26 3.01
C ILE B 49 -27.95 -0.49 1.74
N HIS B 50 -27.61 -1.77 1.67
CA HIS B 50 -27.79 -2.54 0.46
C HIS B 50 -28.84 -3.61 0.64
N THR B 51 -29.84 -3.63 -0.24
CA THR B 51 -30.81 -4.72 -0.26
C THR B 51 -30.50 -5.63 -1.42
N SER B 52 -31.23 -6.73 -1.50
CA SER B 52 -31.11 -7.65 -2.62
C SER B 52 -31.36 -6.90 -3.92
N LYS B 53 -32.27 -5.92 -3.86
CA LYS B 53 -32.59 -5.11 -5.01
C LYS B 53 -31.38 -4.29 -5.47
N ASP B 54 -30.42 -4.08 -4.57
CA ASP B 54 -29.15 -3.40 -4.88
C ASP B 54 -28.12 -4.40 -5.42
N SER B 55 -27.46 -4.05 -6.52
CA SER B 55 -26.48 -4.93 -7.15
C SER B 55 -25.36 -5.33 -6.20
N SER B 56 -24.77 -4.32 -5.55
CA SER B 56 -23.64 -4.51 -4.65
C SER B 56 -23.95 -5.44 -3.47
N PHE B 57 -25.20 -5.88 -3.35
CA PHE B 57 -25.62 -6.75 -2.26
C PHE B 57 -24.81 -8.03 -2.25
N PHE B 58 -25.19 -8.97 -3.11
CA PHE B 58 -24.48 -10.25 -3.25
C PHE B 58 -23.00 -10.04 -3.48
N SER B 59 -22.66 -8.91 -4.09
CA SER B 59 -21.28 -8.54 -4.34
C SER B 59 -20.52 -8.39 -3.02
N ILE B 60 -21.07 -7.61 -2.09
CA ILE B 60 -20.39 -7.40 -0.81
C ILE B 60 -20.79 -8.47 0.21
N LEU B 61 -21.77 -9.30 -0.15
CA LEU B 61 -22.08 -10.46 0.68
C LEU B 61 -20.98 -11.50 0.51
N ASP B 62 -20.71 -11.88 -0.73
CA ASP B 62 -19.79 -12.96 -1.04
C ASP B 62 -18.32 -12.59 -0.79
N SER B 63 -18.03 -11.29 -0.79
CA SER B 63 -16.64 -10.84 -0.79
C SER B 63 -15.85 -11.29 0.45
N SER B 64 -16.48 -11.28 1.62
CA SER B 64 -15.80 -11.67 2.84
C SER B 64 -16.44 -12.90 3.49
N ILE B 65 -16.90 -13.84 2.66
CA ILE B 65 -17.26 -15.17 3.14
C ILE B 65 -16.01 -16.04 3.08
N GLN B 66 -15.38 -16.30 4.22
CA GLN B 66 -14.08 -16.98 4.21
C GLN B 66 -14.19 -18.49 4.50
N ASN B 67 -15.42 -18.99 4.56
CA ASN B 67 -15.66 -20.40 4.36
C ASN B 67 -16.71 -20.52 3.27
N PRO B 68 -16.27 -20.72 2.01
CA PRO B 68 -17.14 -20.71 0.83
C PRO B 68 -18.26 -21.76 0.84
N ARG B 69 -18.16 -22.81 1.65
CA ARG B 69 -19.21 -23.81 1.72
C ARG B 69 -20.51 -23.20 2.22
N PHE B 70 -20.43 -21.97 2.73
CA PHE B 70 -21.61 -21.24 3.19
C PHE B 70 -21.98 -20.10 2.24
N SER B 71 -21.30 -20.00 1.10
CA SER B 71 -21.68 -19.00 0.10
C SER B 71 -22.52 -19.67 -1.00
N VAL B 72 -22.76 -20.97 -0.81
CA VAL B 72 -23.60 -21.76 -1.71
C VAL B 72 -25.03 -21.21 -1.69
N SER B 73 -25.74 -21.37 -2.81
CA SER B 73 -27.04 -20.74 -3.00
C SER B 73 -28.22 -21.53 -2.44
N GLU B 74 -28.05 -22.07 -1.24
CA GLU B 74 -29.15 -22.67 -0.51
C GLU B 74 -29.20 -22.09 0.89
N THR B 75 -28.07 -21.52 1.32
CA THR B 75 -27.94 -20.95 2.66
C THR B 75 -28.78 -19.67 2.82
N PRO B 76 -29.40 -19.48 4.00
CA PRO B 76 -30.21 -18.30 4.28
C PRO B 76 -29.44 -16.98 4.07
N LYS B 77 -30.05 -16.08 3.31
CA LYS B 77 -29.44 -14.80 2.99
C LYS B 77 -30.06 -13.69 3.82
N PRO B 78 -29.31 -12.61 4.05
CA PRO B 78 -29.87 -11.48 4.81
C PRO B 78 -30.83 -10.65 3.97
N VAL B 79 -31.82 -10.02 4.59
CA VAL B 79 -32.75 -9.16 3.87
C VAL B 79 -32.07 -7.83 3.51
N SER B 80 -31.13 -7.41 4.35
CA SER B 80 -30.32 -6.21 4.10
C SER B 80 -28.95 -6.37 4.73
N ILE B 81 -27.94 -5.80 4.09
CA ILE B 81 -26.62 -5.73 4.68
C ILE B 81 -26.32 -4.26 4.87
N ILE B 82 -25.59 -3.94 5.93
CA ILE B 82 -25.29 -2.57 6.27
C ILE B 82 -23.79 -2.41 6.46
N THR B 83 -23.18 -1.47 5.75
CA THR B 83 -21.73 -1.26 5.88
C THR B 83 -21.42 0.12 6.45
N PRO B 84 -21.47 0.26 7.79
CA PRO B 84 -21.29 1.53 8.51
C PRO B 84 -19.92 2.18 8.35
N VAL B 85 -19.90 3.50 8.19
CA VAL B 85 -18.66 4.24 8.05
C VAL B 85 -18.33 4.99 9.33
N LYS B 86 -19.31 5.07 10.24
CA LYS B 86 -19.12 5.74 11.52
C LYS B 86 -19.78 4.97 12.64
N ALA B 87 -19.54 5.39 13.87
CA ALA B 87 -20.07 4.69 15.05
C ALA B 87 -21.57 4.89 15.23
N SER B 88 -22.06 6.11 15.01
CA SER B 88 -23.48 6.42 15.16
C SER B 88 -24.29 5.56 14.22
N ASP B 89 -23.70 5.26 13.06
CA ASP B 89 -24.30 4.34 12.13
C ASP B 89 -24.57 2.99 12.80
N VAL B 90 -23.60 2.43 13.53
CA VAL B 90 -23.84 1.17 14.24
C VAL B 90 -24.97 1.36 15.25
N GLN B 91 -24.97 2.51 15.93
CA GLN B 91 -26.03 2.83 16.88
C GLN B 91 -27.40 2.86 16.20
N THR B 92 -27.45 3.52 15.03
CA THR B 92 -28.70 3.64 14.29
C THR B 92 -29.20 2.25 13.84
N VAL B 93 -28.29 1.38 13.44
CA VAL B 93 -28.68 0.00 13.14
C VAL B 93 -29.25 -0.68 14.38
N ILE B 94 -28.49 -0.62 15.47
CA ILE B 94 -28.88 -1.24 16.73
C ILE B 94 -30.23 -0.71 17.21
N ARG B 95 -30.44 0.59 17.04
CA ARG B 95 -31.66 1.24 17.53
C ARG B 95 -32.92 0.88 16.72
N CYS B 96 -32.82 1.01 15.40
CA CYS B 96 -33.94 0.70 14.51
C CYS B 96 -34.29 -0.77 14.58
N ALA B 97 -33.27 -1.62 14.41
CA ALA B 97 -33.44 -3.07 14.46
C ALA B 97 -34.14 -3.52 15.75
N GLN B 98 -33.75 -2.91 16.87
CA GLN B 98 -34.38 -3.17 18.15
C GLN B 98 -35.76 -2.51 18.27
N LEU B 99 -35.99 -1.44 17.52
CA LEU B 99 -37.30 -0.78 17.53
C LEU B 99 -38.14 -1.17 16.31
N HIS B 100 -37.91 -2.38 15.79
CA HIS B 100 -38.71 -2.92 14.68
C HIS B 100 -38.79 -4.46 14.71
N GLY B 101 -38.05 -5.09 15.61
CA GLY B 101 -38.05 -6.54 15.71
C GLY B 101 -37.22 -7.15 14.60
N ILE B 102 -36.11 -6.50 14.30
CA ILE B 102 -35.17 -7.02 13.31
C ILE B 102 -33.95 -7.64 14.01
N HIS B 103 -33.51 -8.78 13.48
CA HIS B 103 -32.38 -9.53 14.03
C HIS B 103 -31.13 -9.30 13.19
N VAL B 104 -30.00 -9.01 13.83
CA VAL B 104 -28.80 -8.76 13.06
C VAL B 104 -27.63 -9.70 13.38
N ARG B 105 -26.76 -9.88 12.40
CA ARG B 105 -25.48 -10.57 12.58
C ARG B 105 -24.32 -9.64 12.21
N THR B 106 -23.33 -9.57 13.07
CA THR B 106 -22.19 -8.68 12.85
C THR B 106 -21.04 -9.41 12.15
N ARG B 107 -20.46 -8.79 11.12
CA ARG B 107 -19.31 -9.38 10.45
C ARG B 107 -18.10 -8.44 10.29
N SER B 108 -16.98 -8.83 10.89
CA SER B 108 -15.69 -8.16 10.67
C SER B 108 -15.03 -8.60 9.37
N ALA B 109 -14.38 -9.77 9.39
CA ALA B 109 -13.71 -10.28 8.20
C ALA B 109 -14.19 -11.68 7.83
N GLY B 110 -15.26 -12.13 8.48
CA GLY B 110 -16.00 -13.31 8.07
C GLY B 110 -15.28 -14.64 8.08
N HIS B 111 -14.49 -14.91 9.10
CA HIS B 111 -13.79 -16.18 9.20
C HIS B 111 -14.52 -17.19 10.09
N CYS B 112 -15.75 -16.88 10.49
CA CYS B 112 -16.51 -17.77 11.38
C CYS B 112 -16.59 -19.15 10.78
N TYR B 113 -16.24 -20.15 11.57
CA TYR B 113 -16.12 -21.53 11.08
C TYR B 113 -17.48 -22.06 10.65
N GLU B 114 -18.55 -21.55 11.25
CA GLU B 114 -19.90 -21.97 10.87
C GLU B 114 -20.65 -20.83 10.18
N GLY B 115 -19.95 -19.75 9.90
CA GLY B 115 -20.51 -18.66 9.11
C GLY B 115 -21.62 -17.90 9.81
N LEU B 116 -21.59 -17.92 11.14
CA LEU B 116 -22.64 -17.29 11.96
C LEU B 116 -22.58 -15.77 11.98
N SER B 117 -21.67 -15.18 11.23
CA SER B 117 -21.60 -13.72 11.12
C SER B 117 -22.32 -13.20 9.89
N TYR B 118 -22.70 -14.09 8.97
CA TYR B 118 -23.42 -13.69 7.76
C TYR B 118 -24.55 -14.67 7.42
N ILE B 119 -24.86 -15.56 8.36
CA ILE B 119 -26.00 -16.49 8.25
C ILE B 119 -26.79 -16.55 9.54
N ALA B 120 -28.12 -16.46 9.44
CA ALA B 120 -29.01 -16.74 10.56
C ALA B 120 -30.09 -17.72 10.15
N TYR B 121 -30.27 -18.78 10.93
CA TYR B 121 -31.28 -19.78 10.60
C TYR B 121 -32.63 -19.50 11.28
N ASN B 122 -33.69 -19.51 10.47
CA ASN B 122 -35.08 -19.35 10.91
C ASN B 122 -35.43 -17.98 11.51
N LYS B 123 -34.57 -16.99 11.30
CA LYS B 123 -34.90 -15.59 11.60
C LYS B 123 -34.53 -14.71 10.39
N PRO B 124 -35.46 -13.88 9.90
CA PRO B 124 -35.05 -12.89 8.89
C PRO B 124 -33.97 -12.00 9.52
N PHE B 125 -32.91 -11.67 8.80
CA PHE B 125 -31.79 -10.99 9.45
C PHE B 125 -31.08 -9.96 8.59
N ALA B 126 -30.51 -8.96 9.26
CA ALA B 126 -29.70 -7.93 8.61
C ALA B 126 -28.24 -8.08 9.06
N VAL B 127 -27.29 -7.75 8.17
CA VAL B 127 -25.90 -7.88 8.57
C VAL B 127 -25.23 -6.52 8.76
N ILE B 128 -24.54 -6.37 9.88
CA ILE B 128 -23.64 -5.24 10.08
C ILE B 128 -22.22 -5.66 9.64
N ASP B 129 -21.84 -5.26 8.42
CA ASP B 129 -20.51 -5.53 7.88
C ASP B 129 -19.55 -4.39 8.22
N LEU B 130 -18.56 -4.68 9.07
CA LEU B 130 -17.70 -3.65 9.64
C LEU B 130 -16.45 -3.35 8.83
N ARG B 131 -16.47 -3.68 7.54
CA ARG B 131 -15.27 -3.59 6.72
C ARG B 131 -14.73 -2.15 6.57
N ASN B 132 -15.53 -1.14 6.91
CA ASN B 132 -15.12 0.26 6.75
C ASN B 132 -14.77 0.96 8.06
N LEU B 133 -14.93 0.26 9.18
CA LEU B 133 -14.35 0.71 10.44
C LEU B 133 -13.14 -0.17 10.73
N ARG B 134 -12.05 0.09 10.01
CA ARG B 134 -10.87 -0.76 10.08
C ARG B 134 -9.64 0.04 10.48
N SER B 135 -9.86 1.21 11.08
CA SER B 135 -8.76 2.15 11.33
C SER B 135 -7.88 1.71 12.49
N ILE B 136 -6.62 2.14 12.43
CA ILE B 136 -5.59 1.81 13.44
C ILE B 136 -4.70 3.02 13.71
N SER B 137 -4.49 3.33 14.99
CA SER B 137 -3.50 4.33 15.41
C SER B 137 -2.72 3.78 16.58
N LEU B 138 -1.41 3.91 16.55
CA LEU B 138 -0.60 3.35 17.62
C LEU B 138 0.11 4.43 18.42
N ASP B 139 0.38 4.15 19.68
CA ASP B 139 1.18 5.02 20.51
C ASP B 139 2.48 4.26 20.78
N VAL B 140 3.53 4.63 20.06
CA VAL B 140 4.80 3.90 20.12
C VAL B 140 5.44 3.92 21.51
N ASP B 141 5.59 5.13 22.07
CA ASP B 141 6.32 5.27 23.32
C ASP B 141 5.51 4.72 24.49
N ASN B 142 4.20 4.60 24.29
CA ASN B 142 3.32 4.00 25.29
C ASN B 142 3.06 2.51 25.08
N ARG B 143 3.48 1.98 23.95
CA ARG B 143 3.28 0.58 23.59
C ARG B 143 1.80 0.18 23.57
N THR B 144 0.96 1.08 23.10
CA THR B 144 -0.46 0.78 22.95
C THR B 144 -0.94 1.08 21.53
N GLY B 145 -2.18 0.70 21.24
CA GLY B 145 -2.80 1.06 19.98
C GLY B 145 -4.29 0.92 20.07
N TRP B 146 -5.01 1.69 19.27
CA TRP B 146 -6.45 1.51 19.14
C TRP B 146 -6.74 0.90 17.78
N VAL B 147 -7.50 -0.20 17.79
CA VAL B 147 -7.77 -0.97 16.58
C VAL B 147 -9.27 -1.18 16.40
N GLN B 148 -9.85 -0.56 15.38
CA GLN B 148 -11.27 -0.78 15.11
C GLN B 148 -11.51 -2.21 14.65
N THR B 149 -12.62 -2.79 15.10
CA THR B 149 -12.87 -4.24 14.97
C THR B 149 -13.13 -4.73 13.55
N GLY B 150 -13.12 -3.81 12.57
CA GLY B 150 -13.22 -4.20 11.18
C GLY B 150 -11.86 -4.50 10.55
N ALA B 151 -10.81 -4.24 11.32
CA ALA B 151 -9.45 -4.48 10.84
C ALA B 151 -9.11 -5.97 10.91
N THR B 152 -8.14 -6.39 10.09
CA THR B 152 -7.64 -7.75 10.11
C THR B 152 -6.33 -7.80 10.86
N ALA B 153 -5.98 -9.00 11.35
CA ALA B 153 -4.70 -9.24 12.03
C ALA B 153 -3.50 -8.79 11.19
N GLY B 154 -3.58 -9.00 9.88
CA GLY B 154 -2.52 -8.65 8.95
C GLY B 154 -2.38 -7.15 8.78
N GLU B 155 -3.52 -6.46 8.69
CA GLU B 155 -3.51 -5.00 8.65
C GLU B 155 -2.82 -4.44 9.90
N LEU B 156 -3.15 -4.98 11.06
CA LEU B 156 -2.53 -4.56 12.31
C LEU B 156 -1.03 -4.92 12.38
N TYR B 157 -0.68 -6.17 12.11
CA TYR B 157 0.73 -6.56 12.08
C TYR B 157 1.51 -5.63 11.19
N TYR B 158 0.96 -5.35 10.01
CA TYR B 158 1.68 -4.58 9.02
C TYR B 158 2.05 -3.23 9.59
N GLU B 159 1.07 -2.60 10.23
CA GLU B 159 1.26 -1.29 10.81
C GLU B 159 2.32 -1.34 11.90
N ILE B 160 2.27 -2.35 12.74
CA ILE B 160 3.30 -2.48 13.78
C ILE B 160 4.68 -2.67 13.16
N GLY B 161 4.78 -3.64 12.25
CA GLY B 161 6.05 -4.03 11.65
C GLY B 161 6.70 -2.93 10.82
N LYS B 162 5.87 -2.06 10.24
CA LYS B 162 6.38 -0.93 9.46
C LYS B 162 6.91 0.15 10.36
N THR B 163 6.36 0.20 11.57
CA THR B 163 6.71 1.24 12.53
C THR B 163 8.00 0.90 13.27
N THR B 164 8.09 -0.31 13.82
CA THR B 164 9.29 -0.75 14.56
C THR B 164 9.47 -2.26 14.52
N LYS B 165 10.71 -2.72 14.50
CA LYS B 165 10.94 -4.15 14.55
C LYS B 165 10.98 -4.67 15.99
N SER B 166 10.82 -3.76 16.97
CA SER B 166 11.01 -4.13 18.38
C SER B 166 9.70 -4.24 19.15
N LEU B 167 8.57 -4.20 18.44
CA LEU B 167 7.27 -4.40 19.06
C LEU B 167 6.49 -5.41 18.25
N ALA B 168 5.59 -6.12 18.92
CA ALA B 168 4.76 -7.13 18.30
C ALA B 168 3.37 -7.15 18.93
N PHE B 169 2.52 -8.07 18.46
CA PHE B 169 1.27 -8.33 19.18
C PHE B 169 0.87 -9.80 19.00
N PRO B 170 0.52 -10.47 20.12
CA PRO B 170 0.20 -11.90 20.15
C PRO B 170 -1.19 -12.24 19.63
N ALA B 171 -1.38 -12.18 18.32
CA ALA B 171 -2.63 -12.64 17.73
C ALA B 171 -2.36 -13.88 16.86
N GLY B 172 -3.24 -14.18 15.93
CA GLY B 172 -3.07 -15.39 15.15
C GLY B 172 -2.12 -15.34 13.96
N ILE B 173 -2.03 -16.45 13.24
CA ILE B 173 -1.13 -16.62 12.11
C ILE B 173 -1.67 -16.02 10.82
N HIS B 174 -2.99 -16.12 10.64
CA HIS B 174 -3.63 -15.89 9.36
C HIS B 174 -4.06 -14.44 9.22
N PRO B 175 -3.47 -13.75 8.22
CA PRO B 175 -3.59 -12.30 8.03
C PRO B 175 -5.00 -11.83 7.78
N THR B 176 -5.83 -12.62 7.10
CA THR B 176 -7.16 -12.16 6.69
C THR B 176 -8.24 -12.33 7.76
N VAL B 177 -7.85 -12.83 8.93
CA VAL B 177 -8.78 -12.98 10.06
C VAL B 177 -9.04 -11.65 10.76
N GLY B 178 -10.31 -11.35 11.02
CA GLY B 178 -10.72 -10.08 11.62
C GLY B 178 -10.50 -10.01 13.13
N VAL B 179 -10.13 -8.85 13.63
CA VAL B 179 -9.82 -8.70 15.05
C VAL B 179 -11.09 -8.64 15.86
N GLY B 180 -12.22 -8.43 15.19
CA GLY B 180 -13.49 -8.36 15.89
C GLY B 180 -13.93 -9.72 16.42
N GLY B 181 -13.83 -10.74 15.57
CA GLY B 181 -14.20 -12.07 15.96
C GLY B 181 -13.08 -12.75 16.72
N GLN B 182 -11.84 -12.58 16.24
CA GLN B 182 -10.72 -13.33 16.81
C GLN B 182 -10.40 -12.87 18.22
N PHE B 183 -10.30 -11.56 18.43
CA PHE B 183 -9.95 -11.08 19.76
C PHE B 183 -11.05 -11.37 20.77
N SER B 184 -12.31 -11.29 20.37
CA SER B 184 -13.40 -11.52 21.32
C SER B 184 -13.59 -13.00 21.65
N GLY B 185 -12.96 -13.90 20.89
CA GLY B 185 -12.97 -15.34 21.15
C GLY B 185 -11.66 -15.91 21.69
N GLY B 186 -10.71 -15.03 21.98
CA GLY B 186 -9.40 -15.43 22.45
C GLY B 186 -8.28 -14.98 21.53
N GLY B 187 -7.84 -15.89 20.65
CA GLY B 187 -6.86 -15.57 19.64
C GLY B 187 -5.49 -16.04 20.03
N TYR B 188 -5.10 -17.22 19.59
CA TYR B 188 -3.73 -17.68 19.85
C TYR B 188 -2.89 -17.65 18.59
N GLY B 189 -1.58 -17.59 18.78
CA GLY B 189 -0.63 -17.64 17.68
C GLY B 189 0.72 -17.97 18.27
N THR B 190 1.78 -17.62 17.54
CA THR B 190 3.12 -18.09 17.89
C THR B 190 3.73 -17.45 19.12
N LEU B 191 3.02 -16.50 19.72
CA LEU B 191 3.49 -15.82 20.93
C LEU B 191 2.72 -16.26 22.18
N LEU B 192 1.84 -17.23 22.04
CA LEU B 192 0.94 -17.55 23.14
C LEU B 192 1.63 -18.06 24.42
N ARG B 193 2.77 -18.74 24.29
CA ARG B 193 3.45 -19.25 25.49
C ARG B 193 4.25 -18.15 26.20
N LYS B 194 4.52 -17.05 25.49
CA LYS B 194 5.23 -15.92 26.07
C LYS B 194 4.28 -14.84 26.60
N TYR B 195 3.20 -14.58 25.86
CA TYR B 195 2.35 -13.43 26.13
C TYR B 195 0.88 -13.77 26.29
N GLY B 196 0.48 -14.96 25.85
CA GLY B 196 -0.91 -15.38 25.98
C GLY B 196 -1.75 -15.14 24.73
N LEU B 197 -3.07 -15.08 24.91
CA LEU B 197 -3.98 -14.79 23.81
C LEU B 197 -4.04 -13.28 23.52
N ALA B 198 -4.53 -12.94 22.33
CA ALA B 198 -4.73 -11.54 21.97
C ALA B 198 -5.63 -10.85 23.01
N ALA B 199 -6.70 -11.54 23.40
CA ALA B 199 -7.67 -11.03 24.37
C ALA B 199 -7.05 -10.77 25.74
N ASP B 200 -5.94 -11.45 26.01
CA ASP B 200 -5.21 -11.32 27.26
C ASP B 200 -4.40 -10.04 27.30
N ASN B 201 -4.36 -9.32 26.18
CA ASN B 201 -3.45 -8.19 26.02
C ASN B 201 -4.20 -6.95 25.55
N ILE B 202 -5.50 -6.96 25.81
CA ILE B 202 -6.40 -5.84 25.50
C ILE B 202 -6.69 -5.03 26.77
N ILE B 203 -6.42 -3.74 26.74
CA ILE B 203 -6.49 -2.98 28.00
C ILE B 203 -7.68 -1.99 28.06
N ASP B 204 -8.37 -1.84 26.93
CA ASP B 204 -9.60 -1.06 26.88
C ASP B 204 -10.36 -1.47 25.63
N ALA B 205 -11.59 -1.01 25.48
CA ALA B 205 -12.34 -1.30 24.28
C ALA B 205 -13.55 -0.39 24.15
N LEU B 206 -14.12 -0.34 22.96
CA LEU B 206 -15.35 0.40 22.70
C LEU B 206 -16.45 -0.56 22.28
N VAL B 207 -17.61 -0.48 22.93
CA VAL B 207 -18.70 -1.39 22.61
C VAL B 207 -20.07 -0.70 22.60
N VAL B 208 -20.96 -1.22 21.76
CA VAL B 208 -22.35 -0.77 21.66
C VAL B 208 -23.28 -1.84 22.21
N ASP B 209 -23.88 -1.59 23.38
CA ASP B 209 -24.80 -2.60 23.94
C ASP B 209 -26.19 -2.47 23.32
N ALA B 210 -27.14 -3.25 23.83
CA ALA B 210 -28.48 -3.32 23.25
C ALA B 210 -29.25 -2.01 23.43
N SER B 211 -28.94 -1.28 24.49
CA SER B 211 -29.43 0.09 24.64
C SER B 211 -29.01 0.92 23.45
N GLY B 212 -27.70 1.00 23.20
CA GLY B 212 -27.21 1.72 22.05
C GLY B 212 -26.11 2.68 22.42
N ARG B 213 -25.79 2.70 23.71
CA ARG B 213 -24.68 3.51 24.21
C ARG B 213 -23.35 2.96 23.74
N ILE B 214 -22.44 3.86 23.39
CA ILE B 214 -21.05 3.50 23.18
C ILE B 214 -20.34 3.54 24.52
N LEU B 215 -19.72 2.43 24.91
CA LEU B 215 -19.12 2.33 26.23
C LEU B 215 -17.66 1.90 26.17
N ASP B 216 -16.77 2.68 26.79
CA ASP B 216 -15.37 2.24 26.96
C ASP B 216 -15.28 1.28 28.15
N ARG B 217 -14.08 0.96 28.60
CA ARG B 217 -13.95 0.02 29.71
C ARG B 217 -14.57 0.58 30.98
N GLN B 218 -14.24 1.83 31.27
CA GLN B 218 -14.75 2.50 32.45
C GLN B 218 -16.27 2.56 32.44
N ALA B 219 -16.87 2.87 31.29
CA ALA B 219 -18.33 2.97 31.20
C ALA B 219 -19.06 1.62 31.18
N MET B 220 -18.46 0.62 30.54
CA MET B 220 -19.11 -0.68 30.34
C MET B 220 -19.03 -1.59 31.58
N GLY B 221 -18.00 -1.39 32.41
CA GLY B 221 -17.84 -2.16 33.63
C GLY B 221 -16.91 -3.35 33.48
N GLU B 222 -16.30 -3.79 34.58
CA GLU B 222 -15.30 -4.83 34.54
C GLU B 222 -15.87 -6.15 34.07
N ASP B 223 -17.07 -6.48 34.54
CA ASP B 223 -17.65 -7.79 34.23
C ASP B 223 -17.92 -7.88 32.72
N TYR B 224 -18.39 -6.78 32.17
CA TYR B 224 -18.63 -6.63 30.75
C TYR B 224 -17.29 -6.68 29.99
N PHE B 225 -16.30 -5.93 30.48
CA PHE B 225 -15.00 -5.90 29.84
C PHE B 225 -14.34 -7.28 29.86
N TRP B 226 -14.64 -8.03 30.92
CA TRP B 226 -14.19 -9.40 31.05
C TRP B 226 -14.83 -10.26 29.96
N ALA B 227 -16.15 -10.20 29.84
CA ALA B 227 -16.87 -11.08 28.93
C ALA B 227 -16.42 -10.99 27.47
N ILE B 228 -16.19 -9.76 26.99
CA ILE B 228 -15.91 -9.53 25.57
C ILE B 228 -14.50 -9.98 25.16
N ARG B 229 -13.70 -10.37 26.14
CA ARG B 229 -12.34 -10.80 25.87
C ARG B 229 -12.21 -12.32 25.98
N GLY B 230 -13.00 -13.03 25.18
CA GLY B 230 -12.97 -14.49 25.19
C GLY B 230 -14.36 -15.09 25.07
N GLY B 231 -15.39 -14.38 25.53
CA GLY B 231 -16.73 -14.91 25.58
C GLY B 231 -17.47 -15.05 24.25
N GLY B 232 -16.87 -14.57 23.17
CA GLY B 232 -17.55 -14.53 21.89
C GLY B 232 -18.32 -13.22 21.68
N GLY B 233 -17.91 -12.46 20.68
CA GLY B 233 -18.50 -11.16 20.41
C GLY B 233 -20.01 -11.16 20.20
N SER B 234 -20.48 -12.05 19.33
CA SER B 234 -21.90 -12.11 18.95
C SER B 234 -22.88 -12.08 20.14
N SER B 235 -22.44 -12.57 21.29
CA SER B 235 -23.29 -12.72 22.47
C SER B 235 -23.44 -11.48 23.38
N PHE B 236 -22.73 -10.39 23.11
CA PHE B 236 -22.70 -9.32 24.11
C PHE B 236 -22.88 -7.88 23.58
N GLY B 237 -22.72 -7.67 22.27
CA GLY B 237 -22.85 -6.33 21.72
C GLY B 237 -22.12 -6.23 20.41
N VAL B 238 -21.93 -5.00 19.92
CA VAL B 238 -21.07 -4.79 18.77
C VAL B 238 -19.88 -3.98 19.20
N ILE B 239 -18.73 -4.65 19.30
CA ILE B 239 -17.48 -4.03 19.67
C ILE B 239 -17.00 -3.14 18.51
N LEU B 240 -16.64 -1.90 18.82
CA LEU B 240 -16.19 -0.95 17.80
C LEU B 240 -14.69 -0.86 17.73
N SER B 241 -14.03 -1.17 18.84
CA SER B 241 -12.61 -0.87 18.97
C SER B 241 -11.91 -1.58 20.11
N TRP B 242 -10.71 -2.09 19.83
CA TRP B 242 -9.85 -2.66 20.85
C TRP B 242 -8.73 -1.69 21.20
N LYS B 243 -8.43 -1.53 22.49
CA LYS B 243 -7.17 -0.90 22.87
C LYS B 243 -6.14 -1.96 23.25
N VAL B 244 -5.24 -2.24 22.33
CA VAL B 244 -4.28 -3.29 22.54
C VAL B 244 -3.05 -2.75 23.26
N LYS B 245 -2.38 -3.65 23.98
CA LYS B 245 -1.08 -3.36 24.57
C LYS B 245 -0.01 -4.14 23.81
N LEU B 246 0.85 -3.41 23.11
CA LEU B 246 1.92 -4.03 22.34
C LEU B 246 2.93 -4.66 23.29
N VAL B 247 3.73 -5.58 22.76
CA VAL B 247 4.73 -6.30 23.55
C VAL B 247 6.11 -6.20 22.95
N ASP B 248 7.12 -6.40 23.78
CA ASP B 248 8.51 -6.29 23.34
C ASP B 248 9.01 -7.57 22.69
N VAL B 249 9.76 -7.42 21.61
CA VAL B 249 10.52 -8.52 21.02
C VAL B 249 11.89 -8.01 20.53
N PRO B 250 12.91 -8.87 20.55
CA PRO B 250 14.20 -8.50 19.97
C PRO B 250 14.07 -8.27 18.48
N SER B 251 14.80 -7.34 17.88
CA SER B 251 14.59 -7.03 16.47
C SER B 251 15.02 -8.21 15.60
N THR B 252 15.78 -9.14 16.19
CA THR B 252 16.04 -10.44 15.56
C THR B 252 15.56 -11.64 16.40
N ILE B 253 14.67 -12.45 15.80
CA ILE B 253 14.23 -13.70 16.38
C ILE B 253 14.58 -14.85 15.41
N THR B 254 14.27 -16.09 15.78
CA THR B 254 14.59 -17.24 14.94
C THR B 254 13.38 -18.12 14.68
N VAL B 255 13.16 -18.45 13.42
CA VAL B 255 12.19 -19.48 13.09
C VAL B 255 12.94 -20.73 12.66
N PHE B 256 12.27 -21.88 12.76
CA PHE B 256 12.83 -23.13 12.27
C PHE B 256 11.75 -24.06 11.74
N LYS B 257 12.15 -24.96 10.86
CA LYS B 257 11.25 -25.95 10.28
C LYS B 257 12.02 -27.26 10.08
N VAL B 258 11.48 -28.35 10.61
CA VAL B 258 12.05 -29.68 10.44
C VAL B 258 10.98 -30.61 9.88
N GLN B 259 11.27 -31.31 8.79
CA GLN B 259 10.31 -32.18 8.16
C GLN B 259 10.66 -33.65 8.37
N LYS B 260 9.63 -34.46 8.70
CA LYS B 260 9.79 -35.90 8.84
C LYS B 260 8.78 -36.67 8.01
N THR B 261 9.28 -37.42 7.03
CA THR B 261 8.45 -38.15 6.09
C THR B 261 8.34 -39.62 6.48
N SER B 262 9.29 -40.11 7.26
CA SER B 262 9.26 -41.48 7.72
C SER B 262 8.38 -41.56 8.95
N LYS B 263 7.32 -42.36 8.85
CA LYS B 263 6.32 -42.48 9.91
C LYS B 263 6.92 -42.99 11.23
N LYS B 264 7.82 -43.96 11.13
CA LYS B 264 8.57 -44.45 12.28
C LYS B 264 9.32 -43.29 12.99
N GLU B 265 10.09 -42.52 12.23
CA GLU B 265 10.86 -41.39 12.76
C GLU B 265 9.97 -40.30 13.35
N ALA B 266 8.93 -39.91 12.61
CA ALA B 266 8.02 -38.88 13.05
C ALA B 266 7.24 -39.27 14.30
N VAL B 267 6.75 -40.50 14.38
CA VAL B 267 5.99 -40.93 15.55
C VAL B 267 6.85 -40.84 16.82
N ARG B 268 8.12 -41.21 16.69
CA ARG B 268 9.07 -41.13 17.82
C ARG B 268 9.31 -39.69 18.29
N ILE B 269 9.26 -38.76 17.34
CA ILE B 269 9.53 -37.36 17.62
C ILE B 269 8.30 -36.63 18.13
N ILE B 270 7.13 -36.96 17.57
CA ILE B 270 5.86 -36.44 18.06
C ILE B 270 5.57 -36.87 19.50
N LYS B 271 5.89 -38.13 19.81
CA LYS B 271 5.71 -38.66 21.16
C LYS B 271 6.51 -37.84 22.17
N LYS B 272 7.77 -37.58 21.86
CA LYS B 272 8.59 -36.74 22.73
C LYS B 272 8.06 -35.33 22.79
N TRP B 273 7.65 -34.79 21.64
CA TRP B 273 7.12 -33.43 21.58
C TRP B 273 6.03 -33.23 22.63
N GLN B 274 5.14 -34.20 22.76
CA GLN B 274 4.08 -34.15 23.75
C GLN B 274 4.53 -33.90 25.20
N TYR B 275 5.67 -34.46 25.60
CA TYR B 275 6.14 -34.22 26.97
C TYR B 275 6.82 -32.86 27.09
N ALA B 276 7.54 -32.47 26.04
CA ALA B 276 8.49 -31.37 26.09
C ALA B 276 7.93 -29.98 25.71
N ALA B 277 7.14 -29.93 24.65
CA ALA B 277 6.78 -28.66 24.01
C ALA B 277 6.11 -27.66 24.93
N ASP B 278 5.40 -28.14 25.96
CA ASP B 278 4.68 -27.21 26.83
C ASP B 278 5.55 -26.82 28.01
N LYS B 279 6.66 -27.53 28.18
CA LYS B 279 7.51 -27.37 29.36
C LYS B 279 8.78 -26.59 29.07
N VAL B 280 9.08 -26.37 27.79
CA VAL B 280 10.22 -25.56 27.39
C VAL B 280 10.06 -24.09 27.89
N PRO B 281 11.14 -23.29 27.89
CA PRO B 281 11.02 -21.88 28.32
C PRO B 281 10.02 -21.05 27.51
N ASP B 282 9.53 -19.97 28.12
CA ASP B 282 8.60 -18.99 27.51
C ASP B 282 8.88 -18.58 26.06
N ASP B 283 10.16 -18.45 25.73
CA ASP B 283 10.61 -17.93 24.45
C ASP B 283 10.55 -18.93 23.30
N LEU B 284 10.21 -20.19 23.57
CA LEU B 284 10.24 -21.22 22.52
C LEU B 284 8.86 -21.77 22.22
N PHE B 285 8.39 -21.52 20.99
CA PHE B 285 7.13 -22.05 20.45
C PHE B 285 7.43 -23.19 19.49
N ILE B 286 6.95 -24.40 19.76
CA ILE B 286 7.12 -25.49 18.80
C ILE B 286 5.80 -26.15 18.48
N ARG B 287 5.37 -25.99 17.23
CA ARG B 287 4.13 -26.55 16.74
C ARG B 287 4.38 -27.84 15.94
N THR B 288 3.46 -28.80 16.04
CA THR B 288 3.51 -29.99 15.19
C THR B 288 2.34 -29.96 14.21
N THR B 289 2.63 -30.14 12.93
CA THR B 289 1.59 -30.27 11.91
C THR B 289 1.68 -31.59 11.15
N LEU B 290 0.58 -32.32 11.12
CA LEU B 290 0.45 -33.54 10.34
C LEU B 290 -0.42 -33.19 9.14
N GLU B 291 0.10 -33.43 7.94
CA GLU B 291 -0.57 -33.03 6.72
C GLU B 291 0.04 -33.78 5.56
N ARG B 292 -0.51 -33.60 4.37
CA ARG B 292 0.07 -34.20 3.18
C ARG B 292 1.00 -33.20 2.55
N SER B 293 2.16 -33.66 2.14
CA SER B 293 3.15 -32.79 1.54
C SER B 293 2.75 -32.34 0.15
N ASN B 294 3.51 -31.40 -0.39
CA ASN B 294 3.34 -30.99 -1.79
C ASN B 294 3.87 -32.06 -2.76
N LYS B 295 4.28 -33.21 -2.23
CA LYS B 295 4.60 -34.40 -3.02
C LYS B 295 3.54 -35.46 -2.79
N ASN B 296 2.40 -35.02 -2.23
CA ASN B 296 1.26 -35.87 -1.89
C ASN B 296 1.65 -37.06 -1.02
N ALA B 297 2.46 -36.79 0.01
CA ALA B 297 2.79 -37.78 1.01
C ALA B 297 2.57 -37.19 2.39
N VAL B 298 1.98 -37.98 3.29
CA VAL B 298 1.83 -37.54 4.67
C VAL B 298 3.19 -37.33 5.28
N HIS B 299 3.38 -36.22 5.99
CA HIS B 299 4.61 -35.98 6.71
C HIS B 299 4.30 -35.18 7.99
N ALA B 300 5.26 -35.17 8.91
CA ALA B 300 5.14 -34.29 10.08
C ALA B 300 6.03 -33.09 9.89
N LEU B 301 5.43 -31.92 10.11
CA LEU B 301 6.14 -30.66 10.03
C LEU B 301 6.28 -30.07 11.42
N PHE B 302 7.51 -29.89 11.86
CA PHE B 302 7.73 -29.20 13.11
C PHE B 302 8.20 -27.78 12.78
N THR B 303 7.41 -26.79 13.23
CA THR B 303 7.73 -25.39 13.01
C THR B 303 7.83 -24.67 14.34
N GLY B 304 8.64 -23.63 14.39
CA GLY B 304 8.85 -22.93 15.63
C GLY B 304 9.20 -21.47 15.51
N LEU B 305 8.95 -20.74 16.59
CA LEU B 305 9.43 -19.39 16.73
C LEU B 305 10.15 -19.32 18.07
N TYR B 306 11.38 -18.82 18.03
CA TYR B 306 12.16 -18.68 19.23
C TYR B 306 12.55 -17.21 19.40
N ILE B 307 12.17 -16.63 20.54
CA ILE B 307 12.37 -15.21 20.81
C ILE B 307 13.84 -14.91 21.16
N GLY B 308 14.71 -14.94 20.15
CA GLY B 308 16.13 -14.73 20.39
C GLY B 308 17.00 -15.36 19.32
N PRO B 309 18.34 -15.33 19.53
CA PRO B 309 19.36 -15.69 18.52
C PRO B 309 19.47 -17.20 18.28
N VAL B 310 20.03 -17.60 17.14
CA VAL B 310 19.94 -19.01 16.72
C VAL B 310 20.73 -19.95 17.62
N ASN B 311 21.89 -19.53 18.10
CA ASN B 311 22.70 -20.40 18.93
C ASN B 311 22.01 -20.78 20.25
N ASN B 312 21.30 -19.83 20.83
CA ASN B 312 20.53 -20.05 22.04
C ASN B 312 19.38 -21.04 21.83
N LEU B 313 18.70 -20.90 20.69
CA LEU B 313 17.68 -21.86 20.30
C LEU B 313 18.28 -23.26 20.28
N LEU B 314 19.37 -23.42 19.52
CA LEU B 314 20.00 -24.73 19.33
C LEU B 314 20.48 -25.35 20.64
N ALA B 315 21.06 -24.53 21.52
CA ALA B 315 21.48 -24.99 22.83
C ALA B 315 20.27 -25.54 23.60
N LEU B 316 19.22 -24.73 23.67
CA LEU B 316 17.97 -25.11 24.33
C LEU B 316 17.41 -26.43 23.79
N MET B 317 17.36 -26.55 22.46
CA MET B 317 16.86 -27.76 21.79
C MET B 317 17.68 -28.99 22.13
N GLU B 318 19.00 -28.86 22.07
CA GLU B 318 19.86 -29.99 22.42
C GLU B 318 19.60 -30.45 23.84
N GLU B 319 19.35 -29.49 24.72
CA GLU B 319 19.05 -29.78 26.11
C GLU B 319 17.65 -30.38 26.29
N LYS B 320 16.65 -29.79 25.63
CA LYS B 320 15.25 -30.12 25.89
C LYS B 320 14.61 -31.05 24.87
N PHE B 321 15.08 -30.99 23.62
CA PHE B 321 14.41 -31.72 22.54
C PHE B 321 15.42 -32.13 21.46
N PRO B 322 16.49 -32.83 21.84
CA PRO B 322 17.45 -33.24 20.80
C PRO B 322 16.88 -34.27 19.83
N GLU B 323 15.80 -34.95 20.20
CA GLU B 323 15.17 -35.95 19.33
C GLU B 323 14.72 -35.39 17.98
N LEU B 324 14.45 -34.11 17.90
CA LEU B 324 14.01 -33.49 16.65
C LEU B 324 15.13 -33.40 15.59
N GLY B 325 16.38 -33.26 16.06
CA GLY B 325 17.53 -33.19 15.17
C GLY B 325 17.69 -31.85 14.49
N LEU B 326 17.20 -30.80 15.13
CA LEU B 326 17.31 -29.47 14.54
C LEU B 326 18.78 -29.07 14.50
N GLU B 327 19.22 -28.56 13.36
CA GLU B 327 20.51 -27.90 13.33
C GLU B 327 20.37 -26.56 12.63
N LYS B 328 21.44 -25.77 12.65
CA LYS B 328 21.43 -24.38 12.21
C LYS B 328 20.90 -24.19 10.79
N GLU B 329 21.12 -25.16 9.91
CA GLU B 329 20.63 -25.10 8.53
C GLU B 329 19.11 -25.05 8.43
N GLY B 330 18.42 -25.52 9.46
CA GLY B 330 16.98 -25.54 9.50
C GLY B 330 16.42 -24.29 10.14
N CYS B 331 17.33 -23.41 10.58
CA CYS B 331 16.95 -22.19 11.31
C CYS B 331 17.12 -20.94 10.46
N GLU B 332 16.20 -20.00 10.61
CA GLU B 332 16.27 -18.75 9.87
C GLU B 332 16.09 -17.57 10.82
N GLU B 333 17.15 -16.77 10.99
CA GLU B 333 17.02 -15.54 11.75
C GLU B 333 16.30 -14.47 10.92
N MET B 334 15.31 -13.82 11.53
CA MET B 334 14.58 -12.74 10.88
C MET B 334 13.86 -11.90 11.94
N SER B 335 13.20 -10.83 11.52
CA SER B 335 12.44 -10.02 12.46
C SER B 335 11.10 -10.67 12.73
N TRP B 336 10.44 -10.22 13.78
CA TRP B 336 9.14 -10.77 14.16
C TRP B 336 8.14 -10.64 13.04
N ILE B 337 8.15 -9.49 12.36
CA ILE B 337 7.17 -9.22 11.31
C ILE B 337 7.45 -10.12 10.11
N GLU B 338 8.72 -10.41 9.86
CA GLU B 338 9.08 -11.35 8.81
C GLU B 338 8.58 -12.75 9.20
N SER B 339 8.66 -13.09 10.48
CA SER B 339 8.21 -14.39 10.95
C SER B 339 6.73 -14.56 10.69
N VAL B 340 6.00 -13.45 10.70
CA VAL B 340 4.56 -13.46 10.46
C VAL B 340 4.31 -13.86 9.00
N LEU B 341 5.12 -13.29 8.10
CA LEU B 341 5.06 -13.65 6.69
C LEU B 341 5.40 -15.12 6.52
N TRP B 342 6.40 -15.54 7.28
CA TRP B 342 6.90 -16.89 7.24
C TRP B 342 5.81 -17.88 7.63
N PHE B 343 5.18 -17.62 8.77
CA PHE B 343 4.18 -18.53 9.29
C PHE B 343 2.92 -18.56 8.42
N ALA B 344 2.74 -17.48 7.65
CA ALA B 344 1.58 -17.34 6.76
C ALA B 344 1.89 -17.91 5.38
N ASP B 345 3.05 -18.55 5.24
CA ASP B 345 3.41 -19.31 4.04
C ASP B 345 3.63 -18.43 2.81
N PHE B 346 3.97 -17.16 3.03
CA PHE B 346 4.45 -16.29 1.95
C PHE B 346 5.88 -16.64 1.57
N PRO B 347 6.19 -16.58 0.27
CA PRO B 347 7.54 -16.85 -0.25
C PRO B 347 8.62 -16.06 0.50
N LYS B 348 9.84 -16.58 0.54
CA LYS B 348 10.91 -15.90 1.28
C LYS B 348 11.09 -14.48 0.77
N GLY B 349 11.34 -13.55 1.70
CA GLY B 349 11.59 -12.17 1.34
C GLY B 349 10.45 -11.48 0.60
N GLU B 350 9.23 -12.02 0.75
CA GLU B 350 8.03 -11.34 0.28
C GLU B 350 7.95 -9.96 0.92
N SER B 351 7.28 -9.01 0.27
CA SER B 351 7.13 -7.67 0.84
C SER B 351 6.03 -7.61 1.90
N LEU B 352 6.25 -6.83 2.96
CA LEU B 352 5.33 -6.80 4.10
C LEU B 352 3.90 -6.44 3.69
N GLY B 353 3.76 -5.66 2.61
CA GLY B 353 2.47 -5.21 2.12
C GLY B 353 1.43 -6.29 1.86
N VAL B 354 1.86 -7.54 1.65
CA VAL B 354 0.93 -8.62 1.35
C VAL B 354 0.03 -8.87 2.54
N LEU B 355 0.44 -8.37 3.69
CA LEU B 355 -0.31 -8.57 4.92
C LEU B 355 -1.60 -7.78 4.91
N THR B 356 -1.64 -6.74 4.07
CA THR B 356 -2.81 -5.86 3.97
C THR B 356 -3.83 -6.38 2.96
N ASN B 357 -3.39 -7.33 2.12
CA ASN B 357 -4.28 -7.98 1.18
C ASN B 357 -5.41 -8.62 1.95
N ARG B 358 -6.63 -8.45 1.45
CA ARG B 358 -7.82 -8.83 2.20
C ARG B 358 -8.67 -9.77 1.37
N GLU B 359 -8.00 -10.55 0.52
CA GLU B 359 -8.68 -11.41 -0.45
C GLU B 359 -9.60 -12.46 0.18
N ARG B 360 -10.49 -12.98 -0.63
CA ARG B 360 -11.35 -14.10 -0.24
C ARG B 360 -10.68 -15.43 -0.60
N THR B 361 -10.77 -16.40 0.31
CA THR B 361 -10.19 -17.71 0.05
C THR B 361 -10.92 -18.48 -1.03
N SER B 362 -10.26 -19.52 -1.54
CA SER B 362 -10.87 -20.41 -2.54
C SER B 362 -10.97 -21.83 -1.99
N LEU B 363 -10.80 -21.98 -0.68
CA LEU B 363 -10.88 -23.27 -0.01
C LEU B 363 -11.95 -23.29 1.09
N SER B 364 -12.99 -24.10 0.89
CA SER B 364 -13.96 -24.35 1.93
C SER B 364 -13.33 -25.26 2.96
N PHE B 365 -13.91 -25.34 4.15
CA PHE B 365 -13.36 -26.22 5.18
C PHE B 365 -14.38 -26.63 6.25
N LYS B 366 -14.05 -27.71 6.97
CA LYS B 366 -14.72 -28.08 8.20
C LYS B 366 -13.67 -28.36 9.29
N GLY B 367 -13.82 -27.71 10.44
CA GLY B 367 -12.85 -27.89 11.50
C GLY B 367 -13.46 -28.18 12.86
N LYS B 368 -12.73 -28.97 13.65
CA LYS B 368 -13.06 -29.24 15.05
C LYS B 368 -11.77 -29.20 15.87
N ASP B 369 -11.87 -29.20 17.18
CA ASP B 369 -10.65 -29.18 17.99
C ASP B 369 -10.84 -29.76 19.40
N ASP B 370 -9.72 -29.92 20.09
CA ASP B 370 -9.70 -30.57 21.38
C ASP B 370 -8.57 -30.01 22.21
N PHE B 371 -8.61 -30.33 23.49
CA PHE B 371 -7.50 -30.05 24.39
C PHE B 371 -6.94 -31.39 24.96
N VAL B 372 -5.62 -31.52 24.94
CA VAL B 372 -4.97 -32.72 25.46
C VAL B 372 -4.30 -32.40 26.78
N GLN B 373 -4.61 -33.19 27.80
CA GLN B 373 -4.14 -32.93 29.15
C GLN B 373 -3.08 -33.96 29.58
N GLU B 374 -3.00 -35.06 28.85
CA GLU B 374 -1.90 -36.02 29.01
C GLU B 374 -1.61 -36.74 27.68
N PRO B 375 -0.33 -37.11 27.45
CA PRO B 375 0.10 -37.52 26.10
C PRO B 375 -0.73 -38.64 25.52
N ILE B 376 -1.07 -38.53 24.24
CA ILE B 376 -1.75 -39.62 23.57
C ILE B 376 -0.73 -40.73 23.33
N PRO B 377 -1.19 -41.98 23.30
CA PRO B 377 -0.25 -43.09 23.11
C PRO B 377 0.31 -43.13 21.69
N GLU B 378 1.38 -43.89 21.50
CA GLU B 378 2.02 -44.01 20.19
C GLU B 378 1.05 -44.60 19.19
N ALA B 379 0.15 -45.46 19.69
CA ALA B 379 -0.84 -46.14 18.89
C ALA B 379 -1.79 -45.15 18.27
N ALA B 380 -2.21 -44.17 19.08
CA ALA B 380 -3.07 -43.08 18.60
C ALA B 380 -2.35 -42.17 17.61
N ILE B 381 -1.06 -41.90 17.84
CA ILE B 381 -0.27 -41.12 16.89
C ILE B 381 -0.21 -41.83 15.54
N GLN B 382 0.13 -43.12 15.57
CA GLN B 382 0.19 -43.93 14.35
C GLN B 382 -1.13 -43.87 13.58
N GLU B 383 -2.25 -43.91 14.32
CA GLU B 383 -3.57 -43.94 13.72
C GLU B 383 -3.97 -42.64 13.04
N ILE B 384 -3.70 -41.50 13.67
CA ILE B 384 -4.14 -40.23 13.07
C ILE B 384 -3.30 -39.94 11.83
N TRP B 385 -2.06 -40.45 11.82
CA TRP B 385 -1.22 -40.42 10.64
C TRP B 385 -1.87 -41.19 9.51
N ARG B 386 -2.28 -42.40 9.83
CA ARG B 386 -2.89 -43.31 8.86
C ARG B 386 -4.17 -42.72 8.31
N ARG B 387 -4.88 -41.97 9.15
CA ARG B 387 -6.11 -41.34 8.73
C ARG B 387 -5.86 -40.25 7.69
N LEU B 388 -4.71 -39.61 7.78
CA LEU B 388 -4.35 -38.55 6.83
C LEU B 388 -3.91 -39.14 5.49
N GLU B 389 -3.95 -40.46 5.38
CA GLU B 389 -3.67 -41.11 4.10
C GLU B 389 -4.93 -41.16 3.22
N ALA B 390 -6.10 -41.02 3.84
CA ALA B 390 -7.37 -41.03 3.12
C ALA B 390 -7.41 -40.05 1.95
N PRO B 391 -8.04 -40.46 0.84
CA PRO B 391 -8.13 -39.64 -0.36
C PRO B 391 -8.67 -38.25 -0.08
N GLU B 392 -9.71 -38.17 0.75
CA GLU B 392 -10.35 -36.89 1.01
C GLU B 392 -9.57 -36.09 2.04
N ALA B 393 -8.41 -36.58 2.45
CA ALA B 393 -7.56 -35.84 3.37
C ALA B 393 -6.35 -35.19 2.68
N ARG B 394 -6.42 -35.07 1.35
CA ARG B 394 -5.34 -34.44 0.60
C ARG B 394 -4.97 -33.06 1.16
N LEU B 395 -5.99 -32.28 1.53
CA LEU B 395 -5.80 -30.95 2.11
C LEU B 395 -6.22 -30.89 3.56
N GLY B 396 -6.17 -32.05 4.23
CA GLY B 396 -6.48 -32.13 5.64
C GLY B 396 -5.25 -31.91 6.50
N LYS B 397 -5.45 -31.28 7.65
CA LYS B 397 -4.37 -30.98 8.59
C LYS B 397 -4.78 -31.37 9.99
N ILE B 398 -3.83 -31.85 10.78
CA ILE B 398 -4.01 -32.04 12.22
C ILE B 398 -2.88 -31.31 12.94
N ILE B 399 -3.25 -30.20 13.58
CA ILE B 399 -2.27 -29.23 14.09
C ILE B 399 -2.22 -29.22 15.61
N LEU B 400 -1.02 -29.39 16.16
CA LEU B 400 -0.82 -29.46 17.59
C LEU B 400 -0.08 -28.22 18.06
N THR B 401 -0.74 -27.40 18.88
CA THR B 401 -0.20 -26.13 19.36
C THR B 401 0.12 -26.20 20.85
N PRO B 402 1.39 -25.97 21.23
CA PRO B 402 1.77 -26.12 22.64
C PRO B 402 1.18 -25.04 23.54
N PHE B 403 0.68 -25.46 24.69
CA PHE B 403 0.23 -24.53 25.70
C PHE B 403 1.34 -24.44 26.77
N GLY B 404 0.97 -24.26 28.03
CA GLY B 404 1.97 -23.99 29.06
C GLY B 404 2.54 -22.59 28.93
N GLY B 405 3.61 -22.33 29.67
CA GLY B 405 4.15 -20.98 29.71
C GLY B 405 3.17 -20.03 30.34
N LYS B 406 2.91 -18.93 29.63
CA LYS B 406 1.99 -17.89 30.10
C LYS B 406 0.56 -18.40 30.23
N MET B 407 0.22 -19.38 29.40
CA MET B 407 -1.11 -19.96 29.44
C MET B 407 -1.35 -20.65 30.77
N SER B 408 -0.30 -21.15 31.40
CA SER B 408 -0.42 -21.78 32.71
C SER B 408 -0.34 -20.77 33.84
N GLU B 409 0.28 -19.62 33.57
CA GLU B 409 0.31 -18.55 34.55
C GLU B 409 -1.09 -17.98 34.79
N MET B 410 -1.85 -17.81 33.72
CA MET B 410 -3.22 -17.29 33.85
C MET B 410 -4.09 -18.28 34.59
N ALA B 411 -4.88 -17.81 35.55
CA ALA B 411 -5.91 -18.65 36.15
C ALA B 411 -6.98 -18.86 35.08
N GLU B 412 -7.73 -19.97 35.17
CA GLU B 412 -8.65 -20.28 34.09
C GLU B 412 -9.88 -19.37 34.09
N TYR B 413 -10.02 -18.59 35.16
CA TYR B 413 -11.14 -17.66 35.27
C TYR B 413 -10.76 -16.22 34.98
N GLU B 414 -9.48 -15.98 34.70
CA GLU B 414 -9.01 -14.60 34.49
C GLU B 414 -9.70 -13.93 33.29
N THR B 415 -9.94 -14.71 32.24
CA THR B 415 -10.77 -14.27 31.11
C THR B 415 -11.75 -15.42 30.82
N PRO B 416 -12.77 -15.21 29.95
CA PRO B 416 -13.72 -16.30 29.64
C PRO B 416 -13.10 -17.58 29.09
N PHE B 417 -11.92 -17.45 28.49
CA PHE B 417 -11.18 -18.59 27.99
C PHE B 417 -10.63 -19.43 29.14
N PRO B 418 -11.10 -20.67 29.29
CA PRO B 418 -10.79 -21.47 30.48
C PRO B 418 -9.62 -22.46 30.33
N HIS B 419 -9.09 -22.65 29.11
CA HIS B 419 -8.14 -23.75 28.85
C HIS B 419 -6.69 -23.34 29.14
N ARG B 420 -6.42 -23.13 30.43
CA ARG B 420 -5.12 -22.66 30.91
C ARG B 420 -4.31 -23.83 31.47
N GLY B 421 -3.85 -23.69 32.70
CA GLY B 421 -3.06 -24.70 33.38
C GLY B 421 -3.68 -26.07 33.38
N GLY B 422 -2.88 -27.10 33.11
CA GLY B 422 -3.36 -28.47 33.05
C GLY B 422 -3.63 -28.95 31.64
N ASN B 423 -3.49 -28.05 30.68
CA ASN B 423 -3.64 -28.39 29.28
C ASN B 423 -2.27 -28.36 28.64
N LEU B 424 -1.87 -29.48 28.02
CA LEU B 424 -0.56 -29.56 27.36
C LEU B 424 -0.55 -28.80 26.05
N TYR B 425 -1.54 -29.07 25.21
CA TYR B 425 -1.64 -28.45 23.91
C TYR B 425 -3.07 -28.52 23.37
N GLU B 426 -3.32 -27.75 22.33
CA GLU B 426 -4.60 -27.76 21.65
C GLU B 426 -4.38 -28.43 20.30
N ILE B 427 -5.33 -29.24 19.86
CA ILE B 427 -5.17 -29.92 18.58
C ILE B 427 -6.37 -29.63 17.69
N GLN B 428 -6.11 -29.11 16.49
CA GLN B 428 -7.18 -28.87 15.52
C GLN B 428 -7.21 -29.96 14.45
N TYR B 429 -8.40 -30.45 14.15
CA TYR B 429 -8.62 -31.35 13.03
C TYR B 429 -9.39 -30.59 11.94
N VAL B 430 -8.74 -30.35 10.81
CA VAL B 430 -9.37 -29.54 9.80
C VAL B 430 -9.17 -30.16 8.41
N ALA B 431 -10.23 -30.14 7.61
CA ALA B 431 -10.17 -30.59 6.23
C ALA B 431 -10.53 -29.42 5.33
N TYR B 432 -9.72 -29.19 4.30
CA TYR B 432 -10.04 -28.20 3.27
C TYR B 432 -10.42 -28.90 1.97
N TRP B 433 -11.15 -28.19 1.13
CA TRP B 433 -11.42 -28.63 -0.24
C TRP B 433 -11.78 -27.43 -1.10
N ARG B 434 -11.71 -27.59 -2.41
CA ARG B 434 -11.97 -26.45 -3.27
C ARG B 434 -13.46 -26.18 -3.29
N GLU B 435 -13.80 -24.90 -3.25
CA GLU B 435 -15.18 -24.42 -3.26
C GLU B 435 -15.93 -24.92 -4.50
N GLU B 436 -15.18 -25.19 -5.57
CA GLU B 436 -15.72 -25.80 -6.78
C GLU B 436 -16.56 -27.03 -6.46
N GLU B 437 -16.04 -27.84 -5.54
CA GLU B 437 -16.61 -29.13 -5.22
C GLU B 437 -17.93 -29.00 -4.49
N ASP B 438 -18.20 -27.82 -3.95
CA ASP B 438 -19.40 -27.63 -3.14
C ASP B 438 -20.70 -27.81 -3.94
N LYS B 439 -20.63 -27.68 -5.25
CA LYS B 439 -21.83 -27.83 -6.08
C LYS B 439 -22.43 -29.23 -5.98
N ASN B 440 -21.59 -30.23 -5.67
CA ASN B 440 -22.05 -31.61 -5.50
C ASN B 440 -22.26 -31.94 -4.02
N LYS B 441 -23.48 -31.73 -3.56
CA LYS B 441 -23.85 -31.82 -2.15
C LYS B 441 -23.30 -33.03 -1.39
N THR B 442 -23.28 -34.20 -2.04
CA THR B 442 -22.88 -35.42 -1.36
C THR B 442 -21.39 -35.75 -1.53
N GLU B 443 -20.69 -34.96 -2.35
CA GLU B 443 -19.25 -35.13 -2.51
C GLU B 443 -18.50 -34.48 -1.36
N THR B 444 -19.10 -33.43 -0.80
CA THR B 444 -18.47 -32.70 0.30
C THR B 444 -18.67 -33.43 1.62
N ASP B 445 -19.70 -34.26 1.67
CA ASP B 445 -20.03 -35.00 2.87
C ASP B 445 -18.86 -35.88 3.33
N LYS B 446 -18.06 -36.36 2.38
CA LYS B 446 -16.94 -37.22 2.72
C LYS B 446 -15.89 -36.46 3.53
N TYR B 447 -15.74 -35.17 3.25
CA TYR B 447 -14.82 -34.34 4.02
C TYR B 447 -15.37 -34.17 5.44
N LEU B 448 -16.65 -33.85 5.54
CA LEU B 448 -17.30 -33.70 6.84
C LEU B 448 -17.15 -34.98 7.68
N LYS B 449 -17.33 -36.13 7.06
CA LYS B 449 -17.26 -37.40 7.78
C LYS B 449 -15.84 -37.66 8.27
N TRP B 450 -14.85 -37.29 7.46
CA TRP B 450 -13.45 -37.52 7.82
C TRP B 450 -13.06 -36.79 9.09
N VAL B 451 -13.51 -35.55 9.24
CA VAL B 451 -13.19 -34.79 10.45
C VAL B 451 -13.95 -35.35 11.66
N ASP B 452 -15.21 -35.71 11.46
CA ASP B 452 -16.02 -36.28 12.54
C ASP B 452 -15.42 -37.59 13.01
N SER B 453 -14.97 -38.38 12.04
CA SER B 453 -14.37 -39.67 12.30
C SER B 453 -13.14 -39.54 13.18
N VAL B 454 -12.16 -38.74 12.75
CA VAL B 454 -10.89 -38.64 13.49
C VAL B 454 -11.16 -38.00 14.86
N TYR B 455 -12.16 -37.12 14.91
CA TYR B 455 -12.57 -36.47 16.16
C TYR B 455 -13.15 -37.49 17.16
N GLU B 456 -14.05 -38.34 16.68
CA GLU B 456 -14.62 -39.41 17.48
C GLU B 456 -13.55 -40.41 17.94
N PHE B 457 -12.57 -40.66 17.08
CA PHE B 457 -11.46 -41.54 17.44
C PHE B 457 -10.69 -40.99 18.64
N MET B 458 -10.57 -39.67 18.71
CA MET B 458 -9.72 -39.06 19.71
C MET B 458 -10.37 -39.00 21.10
N THR B 459 -11.66 -39.36 21.19
CA THR B 459 -12.44 -39.24 22.42
C THR B 459 -11.74 -39.74 23.70
N PRO B 460 -11.13 -40.94 23.70
CA PRO B 460 -10.56 -41.36 24.98
C PRO B 460 -9.19 -40.75 25.32
N TYR B 461 -8.70 -39.85 24.49
CA TYR B 461 -7.35 -39.30 24.64
C TYR B 461 -7.31 -37.82 24.99
N VAL B 462 -8.47 -37.17 24.92
CA VAL B 462 -8.54 -35.71 25.10
C VAL B 462 -9.30 -35.38 26.37
N SER B 463 -9.46 -34.09 26.66
CA SER B 463 -10.18 -33.66 27.85
C SER B 463 -11.63 -34.16 27.81
N LYS B 464 -12.20 -34.41 28.99
CA LYS B 464 -13.57 -34.91 29.10
C LYS B 464 -14.24 -34.35 30.34
N SER B 465 -15.56 -34.31 30.31
CA SER B 465 -16.38 -33.81 31.42
C SER B 465 -15.91 -32.46 32.00
N PRO B 466 -16.01 -31.36 31.22
CA PRO B 466 -16.52 -31.34 29.84
C PRO B 466 -15.42 -31.59 28.81
N ARG B 467 -15.82 -32.03 27.62
CA ARG B 467 -14.90 -32.12 26.49
C ARG B 467 -14.64 -30.69 25.96
N GLY B 468 -13.48 -30.12 26.29
CA GLY B 468 -13.18 -28.73 26.01
C GLY B 468 -13.13 -28.39 24.54
N ALA B 469 -13.51 -27.17 24.21
CA ALA B 469 -13.50 -26.68 22.84
C ALA B 469 -13.14 -25.20 22.81
N TYR B 470 -12.66 -24.74 21.65
CA TYR B 470 -12.25 -23.35 21.44
C TYR B 470 -13.31 -22.57 20.65
N VAL B 471 -13.95 -21.58 21.28
CA VAL B 471 -15.05 -20.82 20.66
C VAL B 471 -14.67 -20.12 19.34
N ASN B 472 -13.38 -19.95 19.06
CA ASN B 472 -12.97 -19.36 17.80
C ASN B 472 -12.99 -20.39 16.66
N PHE B 473 -13.19 -21.66 17.01
CA PHE B 473 -13.43 -22.72 16.02
C PHE B 473 -14.87 -23.20 16.19
N LYS B 474 -15.83 -22.32 15.91
CA LYS B 474 -17.21 -22.60 16.20
C LYS B 474 -17.64 -23.91 15.55
N ASP B 475 -18.31 -24.75 16.33
CA ASP B 475 -18.73 -26.06 15.84
C ASP B 475 -20.16 -26.34 16.29
N MET B 476 -21.10 -26.30 15.35
CA MET B 476 -22.50 -26.45 15.74
C MET B 476 -22.83 -27.93 15.96
N ASP B 477 -21.84 -28.78 15.73
CA ASP B 477 -21.96 -30.19 16.06
C ASP B 477 -21.90 -30.40 17.58
N LEU B 478 -21.43 -29.38 18.28
CA LEU B 478 -21.33 -29.44 19.74
C LEU B 478 -22.67 -29.15 20.43
N GLY B 479 -23.69 -28.80 19.63
CA GLY B 479 -25.00 -28.41 20.13
C GLY B 479 -25.48 -27.03 19.67
N MET B 480 -26.79 -26.87 19.54
CA MET B 480 -27.36 -25.59 19.17
C MET B 480 -28.72 -25.42 19.82
N TYR B 481 -29.25 -24.20 19.82
CA TYR B 481 -30.59 -23.98 20.35
C TYR B 481 -31.64 -24.60 19.45
N LEU B 482 -32.49 -25.44 20.04
CA LEU B 482 -33.47 -26.17 19.27
C LEU B 482 -34.87 -25.92 19.79
N GLY B 483 -34.96 -25.22 20.91
CA GLY B 483 -36.24 -24.91 21.54
C GLY B 483 -36.94 -26.11 22.15
N LYS B 484 -36.19 -27.19 22.37
CA LYS B 484 -36.74 -28.41 22.95
C LYS B 484 -37.02 -28.21 24.45
N LYS B 485 -35.98 -27.90 25.21
CA LYS B 485 -36.13 -27.66 26.65
C LYS B 485 -36.83 -26.35 26.95
N LYS B 486 -37.26 -26.20 28.21
CA LYS B 486 -38.10 -25.07 28.59
C LYS B 486 -37.40 -23.75 28.33
N THR B 487 -36.18 -23.63 28.84
CA THR B 487 -35.41 -22.38 28.74
C THR B 487 -34.18 -22.51 27.86
N LYS B 488 -33.66 -21.36 27.44
CA LYS B 488 -32.42 -21.32 26.67
C LYS B 488 -31.22 -21.67 27.55
N TYR B 489 -31.25 -21.24 28.82
CA TYR B 489 -30.17 -21.56 29.75
C TYR B 489 -29.91 -23.06 29.80
N GLU B 490 -30.98 -23.85 29.74
CA GLU B 490 -30.83 -25.30 29.85
C GLU B 490 -30.19 -25.88 28.60
N GLU B 491 -30.44 -25.27 27.45
CA GLU B 491 -29.80 -25.72 26.22
C GLU B 491 -28.39 -25.13 26.10
N GLY B 492 -28.27 -23.84 26.39
CA GLY B 492 -27.02 -23.13 26.24
C GLY B 492 -25.86 -23.68 27.04
N LYS B 493 -26.15 -24.33 28.16
CA LYS B 493 -25.09 -24.91 29.00
C LYS B 493 -24.46 -26.13 28.34
N SER B 494 -25.23 -26.81 27.50
CA SER B 494 -24.76 -28.06 26.86
C SER B 494 -23.42 -27.89 26.14
N TRP B 495 -23.29 -26.81 25.39
CA TRP B 495 -22.03 -26.53 24.71
C TRP B 495 -21.30 -25.36 25.40
N GLY B 496 -22.04 -24.61 26.22
CA GLY B 496 -21.47 -23.51 26.98
C GLY B 496 -20.35 -23.92 27.91
N VAL B 497 -20.44 -25.12 28.49
CA VAL B 497 -19.39 -25.64 29.37
C VAL B 497 -18.25 -26.27 28.60
N LYS B 498 -18.48 -26.59 27.33
CA LYS B 498 -17.39 -27.06 26.49
C LYS B 498 -16.44 -25.90 26.17
N TYR B 499 -17.02 -24.84 25.61
CA TYR B 499 -16.28 -23.64 25.25
C TYR B 499 -15.67 -22.91 26.44
N PHE B 500 -16.42 -22.77 27.52
CA PHE B 500 -16.02 -21.86 28.59
C PHE B 500 -15.90 -22.48 29.97
N LYS B 501 -16.23 -23.78 30.06
CA LYS B 501 -16.12 -24.58 31.27
C LYS B 501 -16.70 -23.92 32.51
N ASN B 502 -15.89 -23.85 33.56
CA ASN B 502 -16.22 -23.18 34.82
C ASN B 502 -16.61 -21.68 34.70
N ASN B 503 -16.25 -21.04 33.58
CA ASN B 503 -16.56 -19.62 33.34
C ASN B 503 -17.93 -19.37 32.74
N PHE B 504 -18.67 -20.42 32.44
CA PHE B 504 -19.96 -20.27 31.76
C PHE B 504 -21.02 -19.58 32.64
N GLU B 505 -20.97 -19.81 33.95
CA GLU B 505 -21.95 -19.19 34.80
C GLU B 505 -21.78 -17.67 34.84
N ARG B 506 -20.55 -17.19 35.00
CA ARG B 506 -20.31 -15.73 35.07
C ARG B 506 -20.63 -15.07 33.73
N LEU B 507 -20.39 -15.77 32.63
CA LEU B 507 -20.79 -15.29 31.32
C LEU B 507 -22.29 -15.06 31.27
N VAL B 508 -23.05 -16.02 31.79
CA VAL B 508 -24.51 -15.94 31.78
C VAL B 508 -25.03 -14.71 32.53
N ARG B 509 -24.43 -14.42 33.69
CA ARG B 509 -24.93 -13.31 34.51
C ARG B 509 -24.58 -11.99 33.86
N VAL B 510 -23.41 -11.91 33.22
CA VAL B 510 -23.02 -10.67 32.56
C VAL B 510 -23.97 -10.44 31.40
N LYS B 511 -24.23 -11.51 30.68
CA LYS B 511 -25.17 -11.50 29.57
C LYS B 511 -26.55 -10.99 30.05
N THR B 512 -26.97 -11.47 31.21
CA THR B 512 -28.26 -11.13 31.78
C THR B 512 -28.45 -9.61 31.92
N ARG B 513 -27.40 -8.90 32.33
CA ARG B 513 -27.54 -7.47 32.58
C ARG B 513 -27.21 -6.57 31.36
N VAL B 514 -26.16 -6.89 30.61
CA VAL B 514 -25.75 -6.00 29.51
C VAL B 514 -26.65 -6.20 28.28
N ASP B 515 -27.38 -7.29 28.27
CA ASP B 515 -28.33 -7.58 27.19
C ASP B 515 -29.56 -8.31 27.73
N PRO B 516 -30.39 -7.63 28.54
CA PRO B 516 -31.53 -8.31 29.18
C PRO B 516 -32.60 -8.80 28.19
N THR B 517 -32.69 -8.19 27.02
CA THR B 517 -33.72 -8.52 26.03
C THR B 517 -33.33 -9.74 25.20
N ASP B 518 -32.05 -10.11 25.28
CA ASP B 518 -31.42 -11.16 24.46
C ASP B 518 -31.49 -10.80 22.98
N PHE B 519 -31.02 -9.59 22.65
CA PHE B 519 -30.98 -9.11 21.28
C PHE B 519 -29.78 -9.62 20.50
N PHE B 520 -28.64 -9.65 21.16
CA PHE B 520 -27.43 -10.17 20.56
C PHE B 520 -27.42 -11.68 20.79
N CYS B 521 -27.94 -12.40 19.81
CA CYS B 521 -28.07 -13.85 19.94
C CYS B 521 -27.86 -14.57 18.60
N ASP B 522 -27.34 -15.80 18.71
CA ASP B 522 -27.21 -16.71 17.58
C ASP B 522 -27.40 -18.13 18.08
N GLU B 523 -27.20 -19.09 17.18
CA GLU B 523 -27.46 -20.49 17.44
C GLU B 523 -26.68 -21.08 18.62
N GLN B 524 -25.59 -20.41 19.03
CA GLN B 524 -24.76 -20.88 20.15
C GLN B 524 -24.45 -19.80 21.20
N SER B 525 -25.19 -18.70 21.19
CA SER B 525 -24.89 -17.57 22.07
C SER B 525 -25.07 -17.87 23.57
N ILE B 526 -24.41 -17.07 24.41
CA ILE B 526 -24.57 -17.15 25.87
C ILE B 526 -26.00 -16.80 26.27
N PRO B 527 -26.66 -17.70 27.03
CA PRO B 527 -28.10 -17.59 27.33
C PRO B 527 -28.43 -16.65 28.49
N LEU B 528 -29.70 -16.26 28.61
CA LEU B 528 -30.17 -15.59 29.80
C LEU B 528 -30.32 -16.60 30.93
N VAL B 529 -30.12 -16.14 32.16
CA VAL B 529 -30.35 -16.96 33.33
C VAL B 529 -31.85 -17.22 33.48
N ASN B 530 -32.22 -18.04 34.45
CA ASN B 530 -33.64 -18.25 34.78
C ASN B 530 -34.01 -17.58 36.10
CL CL C . 5.24 20.45 -14.51
P PO4 D . 7.69 21.05 -37.03
O1 PO4 D . 6.91 20.38 -35.91
O2 PO4 D . 7.42 20.29 -38.31
O3 PO4 D . 7.24 22.49 -37.15
O4 PO4 D . 9.16 21.03 -36.71
PA FAD E . 15.32 22.51 -19.77
O1A FAD E . 16.28 22.95 -18.69
O2A FAD E . 15.29 23.45 -20.95
O5B FAD E . 15.67 21.00 -20.21
C5B FAD E . 15.91 19.98 -19.24
C4B FAD E . 16.74 18.82 -19.80
O4B FAD E . 16.20 18.41 -21.05
C3B FAD E . 18.18 19.23 -20.04
O3B FAD E . 19.07 18.17 -19.77
C2B FAD E . 18.19 19.59 -21.52
O2B FAD E . 19.47 19.41 -22.12
C1B FAD E . 17.11 18.68 -22.10
N9A FAD E . 16.41 19.22 -23.28
C8A FAD E . 15.58 20.31 -23.35
N7A FAD E . 15.14 20.43 -24.64
C5A FAD E . 15.68 19.44 -25.38
C6A FAD E . 15.59 19.09 -26.72
N6A FAD E . 14.67 19.63 -27.51
N1A FAD E . 16.29 17.99 -27.19
C2A FAD E . 17.07 17.23 -26.33
N3A FAD E . 17.16 17.60 -25.00
C4A FAD E . 16.48 18.67 -24.53
N1 FAD E . 7.78 17.71 -14.13
C2 FAD E . 6.69 16.87 -14.04
O2 FAD E . 6.58 15.91 -14.82
N3 FAD E . 5.70 17.12 -13.10
C4 FAD E . 5.80 18.20 -12.23
O4 FAD E . 4.85 18.45 -11.49
C4X FAD E . 6.89 19.06 -12.34
N5 FAD E . 6.95 20.22 -11.58
C5X FAD E . 7.88 21.20 -11.91
C6 FAD E . 7.81 22.48 -11.36
C7 FAD E . 8.75 23.46 -11.69
C7M FAD E . 8.67 24.82 -11.08
C8 FAD E . 9.74 23.17 -12.64
C8M FAD E . 10.78 24.19 -13.01
C9 FAD E . 9.81 21.90 -13.20
C9A FAD E . 8.90 20.91 -12.80
N10 FAD E . 8.98 19.63 -13.33
C10 FAD E . 7.86 18.82 -13.31
C1' FAD E . 10.25 19.15 -13.98
C2' FAD E . 10.30 19.42 -15.47
O2' FAD E . 9.33 18.63 -16.12
C3' FAD E . 11.71 19.06 -15.95
O3' FAD E . 12.61 19.97 -15.36
C4' FAD E . 11.86 19.20 -17.45
O4' FAD E . 12.92 18.40 -17.90
C5' FAD E . 12.21 20.63 -17.79
O5' FAD E . 12.01 20.84 -19.16
P FAD E . 12.42 22.26 -19.77
O1P FAD E . 12.41 22.21 -21.28
O2P FAD E . 11.50 23.35 -19.27
O3P FAD E . 13.86 22.43 -19.08
CL CL F . -5.45 -17.15 13.02
P PO4 G . -10.99 4.18 17.71
O1 PO4 G . -12.33 3.96 17.04
O2 PO4 G . -11.19 5.00 18.99
O3 PO4 G . -10.06 4.91 16.79
O4 PO4 G . -10.36 2.86 18.06
PA FAD H . -16.32 -13.17 11.66
O1A FAD H . -17.14 -14.20 10.92
O2A FAD H . -16.44 -11.85 10.94
O5B FAD H . -16.81 -13.04 13.18
C5B FAD H . -16.73 -14.16 14.03
C4B FAD H . -17.75 -14.08 15.17
O4B FAD H . -17.50 -12.93 15.93
C3B FAD H . -19.17 -13.96 14.68
O3B FAD H . -20.03 -14.56 15.63
C2B FAD H . -19.41 -12.46 14.67
O2B FAD H . -20.77 -12.15 14.86
C1B FAD H . -18.58 -12.03 15.85
N9A FAD H . -18.10 -10.66 15.68
C8A FAD H . -17.31 -10.19 14.67
N7A FAD H . -17.10 -8.86 14.89
C5A FAD H . -17.74 -8.49 16.03
C6A FAD H . -17.85 -7.28 16.70
N6A FAD H . -17.17 -6.21 16.28
N1A FAD H . -18.59 -7.22 17.86
C2A FAD H . -19.21 -8.35 18.35
N3A FAD H . -19.10 -9.55 17.67
C4A FAD H . -18.38 -9.61 16.54
N1 FAD H . -8.01 -18.69 15.34
C2 FAD H . -6.95 -18.78 16.22
O2 FAD H . -6.99 -18.21 17.31
N3 FAD H . -5.80 -19.44 15.82
C4 FAD H . -5.70 -20.00 14.56
O4 FAD H . -4.66 -20.58 14.27
C4X FAD H . -6.77 -19.84 13.65
N5 FAD H . -6.70 -20.29 12.35
C5X FAD H . -7.62 -19.87 11.42
C6 FAD H . -7.47 -20.24 10.09
C7 FAD H . -8.41 -19.84 9.14
C7M FAD H . -8.19 -20.14 7.69
C8 FAD H . -9.49 -19.05 9.54
C8M FAD H . -10.52 -18.63 8.53
C9 FAD H . -9.67 -18.72 10.89
C9A FAD H . -8.77 -19.20 11.83
N10 FAD H . -8.94 -18.92 13.16
C10 FAD H . -7.89 -19.12 14.04
C1' FAD H . -10.29 -18.61 13.73
C2' FAD H . -10.67 -17.16 13.98
O2' FAD H . -9.97 -16.62 15.07
C3' FAD H . -12.14 -17.07 14.38
O3' FAD H . -12.97 -17.76 13.45
C4' FAD H . -12.51 -15.60 14.47
O4' FAD H . -13.60 -15.38 15.33
C5' FAD H . -12.84 -15.06 13.09
O5' FAD H . -12.87 -13.66 13.19
P FAD H . -13.47 -12.85 11.96
O1P FAD H . -13.74 -11.44 12.38
O2P FAD H . -12.55 -13.04 10.78
O3P FAD H . -14.81 -13.72 11.72
#